data_6BS4
#
_entry.id   6BS4
#
_cell.length_a   121.629
_cell.length_b   121.629
_cell.length_c   120.058
_cell.angle_alpha   90.00
_cell.angle_beta   90.00
_cell.angle_gamma   120.00
#
_symmetry.space_group_name_H-M   'P 32 2 1'
#
loop_
_entity.id
_entity.type
_entity.pdbx_description
1 polymer 'Putative ATPase Rv3679'
2 polymer 'Anion transporter'
3 non-polymer 'PHOSPHOTHIOPHOSPHORIC ACID-ADENYLATE ESTER'
4 non-polymer 'MAGNESIUM ION'
5 non-polymer "ADENOSINE-5'-DIPHOSPHATE"
6 water water
#
loop_
_entity_poly.entity_id
_entity_poly.type
_entity_poly.pdbx_seq_one_letter_code
_entity_poly.pdbx_strand_id
1 'polypeptide(L)'
;MVATTSSGGSSVGWPSRLSGVRLHLVTGKGGTGKSTIAAALALTLAAGGRKVLLVEVEGRQGIAQLFDVPPLPYQELKIA
TAERGGQVNALAIDIEAAFLEYLDMFYNLGIAGRAMRRIGAVEFATTIAPGLRDVLLTGKIKETVVRLDKNKLPVYDAIV
VDAPPTGRIARFLDVTKAVSDLAKGGPVHAQSEGVVKLLHSNQTAIHLVTLLEALPVQETLEAIEELAQMELPIGSVIVN
RNIPAHLEPQDLAKAAEGEVDADSVRAGLLTAGVKLPDADFAGLLTETIQHATRITARAEIAQQLDALQVPRLELPTVSD
GVDLGSLYELSESLAQQGVR
;
A
2 'polypeptide(L)'
;MSVTPKTLDMGAILADTSNRVVVCCGAGGVGKTTTAAALALRAAEYGRTVVVLTIDPAKRLAQALGINDLGNTPQRVPLA
PEVPGELHAMMLDMRRTFDEMVMQYSGPERAQSILDNQFYQTVATSLAGTQEYMAMEKLGQLLSQDRWDLIVVDTPPSRN
ALDFLDAPKRLGSFMDSRLWRLLLAPGRGIGRLITGVMGLAMKALSTVLGSQMLADAAAFVQSLDATFGGFREKADRTYA
LLKRRGTQFVVVSAAEPDALREASFFVDRLSQESMPLAGLVFNRTHPMLCALPIERAIDAAETLDAETTDSDATSLAAAV
LRIHAERGQTAKREIRLLSRFTGANPTVPVVGVPSLPFDVSDLEALRALADQLTTVGNDAGRAAGRLEHHHHHH
;
B
#
# COMPACT_ATOMS: atom_id res chain seq x y z
N SER A 11 9.57 -28.23 0.85
CA SER A 11 8.63 -28.49 -0.25
C SER A 11 7.19 -28.22 0.20
N VAL A 12 6.69 -28.93 1.24
CA VAL A 12 5.34 -28.67 1.77
C VAL A 12 5.19 -27.20 2.19
N GLY A 13 4.04 -26.63 1.88
CA GLY A 13 3.72 -25.25 2.21
C GLY A 13 3.20 -25.09 3.62
N TRP A 14 2.82 -26.22 4.25
CA TRP A 14 2.27 -26.21 5.60
C TRP A 14 2.77 -27.38 6.43
N PRO A 15 3.95 -27.27 7.07
CA PRO A 15 4.42 -28.37 7.94
C PRO A 15 3.44 -28.60 9.10
N SER A 16 3.35 -29.84 9.60
CA SER A 16 2.44 -30.24 10.68
C SER A 16 2.46 -29.36 11.92
N ARG A 17 3.64 -28.85 12.32
CA ARG A 17 3.84 -27.95 13.46
C ARG A 17 2.93 -26.71 13.38
N LEU A 18 2.61 -26.26 12.13
CA LEU A 18 1.73 -25.13 11.89
C LEU A 18 0.27 -25.41 12.29
N SER A 19 -0.12 -26.69 12.41
CA SER A 19 -1.47 -27.10 12.83
C SER A 19 -1.68 -26.95 14.35
N GLY A 20 -0.59 -26.94 15.12
CA GLY A 20 -0.62 -26.75 16.56
C GLY A 20 -0.61 -25.28 16.98
N VAL A 21 -0.40 -24.36 16.00
CA VAL A 21 -0.38 -22.91 16.19
C VAL A 21 -1.80 -22.41 16.48
N ARG A 22 -1.90 -21.55 17.51
CA ARG A 22 -3.14 -20.93 17.99
C ARG A 22 -3.23 -19.48 17.50
N LEU A 23 -2.08 -18.80 17.28
CA LEU A 23 -2.05 -17.41 16.85
C LEU A 23 -1.33 -17.23 15.53
N HIS A 24 -2.10 -16.93 14.46
CA HIS A 24 -1.58 -16.71 13.11
C HIS A 24 -1.59 -15.25 12.79
N LEU A 25 -0.42 -14.67 12.52
CA LEU A 25 -0.32 -13.24 12.18
C LEU A 25 -0.04 -13.14 10.70
N VAL A 26 -0.91 -12.45 9.96
CA VAL A 26 -0.81 -12.31 8.50
C VAL A 26 -0.33 -10.92 8.13
N THR A 27 0.95 -10.85 7.71
CA THR A 27 1.59 -9.61 7.32
C THR A 27 1.91 -9.63 5.79
N GLY A 28 2.60 -8.62 5.32
CA GLY A 28 2.93 -8.44 3.92
C GLY A 28 2.80 -6.97 3.56
N LYS A 29 3.43 -6.55 2.48
CA LYS A 29 3.40 -5.17 2.02
C LYS A 29 1.93 -4.70 1.78
N GLY A 30 1.71 -3.38 1.80
CA GLY A 30 0.40 -2.81 1.51
C GLY A 30 -0.11 -3.27 0.16
N GLY A 31 -1.37 -3.67 0.11
CA GLY A 31 -2.06 -4.11 -1.11
C GLY A 31 -1.69 -5.49 -1.62
N THR A 32 -0.98 -6.31 -0.82
CA THR A 32 -0.56 -7.65 -1.30
C THR A 32 -1.61 -8.75 -1.10
N GLY A 33 -2.53 -8.56 -0.16
CA GLY A 33 -3.61 -9.51 0.07
C GLY A 33 -3.84 -9.94 1.51
N LYS A 34 -3.23 -9.24 2.49
CA LYS A 34 -3.36 -9.56 3.93
C LYS A 34 -4.78 -9.82 4.39
N SER A 35 -5.69 -8.85 4.17
CA SER A 35 -7.09 -8.95 4.61
C SER A 35 -7.81 -10.13 3.97
N THR A 36 -7.68 -10.28 2.66
CA THR A 36 -8.30 -11.38 1.89
C THR A 36 -7.80 -12.72 2.37
N ILE A 37 -6.47 -12.88 2.45
CA ILE A 37 -5.78 -14.11 2.85
C ILE A 37 -6.03 -14.48 4.33
N ALA A 38 -6.04 -13.50 5.24
CA ALA A 38 -6.32 -13.72 6.68
C ALA A 38 -7.75 -14.31 6.82
N ALA A 39 -8.74 -13.78 6.06
CA ALA A 39 -10.12 -14.25 6.01
C ALA A 39 -10.21 -15.67 5.40
N ALA A 40 -9.46 -15.95 4.31
CA ALA A 40 -9.40 -17.27 3.67
C ALA A 40 -8.75 -18.29 4.64
N LEU A 41 -7.71 -17.86 5.38
CA LEU A 41 -7.02 -18.70 6.35
C LEU A 41 -7.97 -19.06 7.49
N ALA A 42 -8.70 -18.06 8.04
CA ALA A 42 -9.66 -18.26 9.12
C ALA A 42 -10.69 -19.29 8.69
N LEU A 43 -11.22 -19.19 7.43
CA LEU A 43 -12.18 -20.15 6.87
C LEU A 43 -11.63 -21.56 6.80
N THR A 44 -10.37 -21.69 6.40
CA THR A 44 -9.65 -22.96 6.29
C THR A 44 -9.50 -23.59 7.67
N LEU A 45 -9.09 -22.81 8.68
CA LEU A 45 -8.89 -23.30 10.03
C LEU A 45 -10.18 -23.60 10.76
N ALA A 46 -11.32 -22.98 10.35
CA ALA A 46 -12.60 -23.19 11.03
C ALA A 46 -13.35 -24.41 10.54
N ALA A 47 -13.08 -24.88 9.32
CA ALA A 47 -13.71 -26.04 8.72
C ALA A 47 -13.68 -27.29 9.64
N GLY A 48 -14.82 -27.99 9.74
CA GLY A 48 -14.95 -29.18 10.57
C GLY A 48 -15.33 -28.89 12.02
N GLY A 49 -16.36 -28.05 12.21
CA GLY A 49 -16.90 -27.68 13.51
C GLY A 49 -15.99 -26.87 14.41
N ARG A 50 -15.04 -26.10 13.84
CA ARG A 50 -14.10 -25.33 14.65
C ARG A 50 -14.54 -23.86 14.78
N LYS A 51 -13.98 -23.15 15.74
CA LYS A 51 -14.34 -21.77 15.97
C LYS A 51 -13.08 -20.94 15.91
N VAL A 52 -13.00 -20.05 14.91
CA VAL A 52 -11.83 -19.21 14.66
C VAL A 52 -12.17 -17.72 14.75
N LEU A 53 -11.28 -16.91 15.35
CA LEU A 53 -11.46 -15.47 15.45
C LEU A 53 -10.57 -14.75 14.43
N LEU A 54 -11.20 -13.90 13.60
CA LEU A 54 -10.50 -13.06 12.64
C LEU A 54 -10.36 -11.65 13.27
N VAL A 55 -9.12 -11.26 13.59
CA VAL A 55 -8.81 -9.97 14.25
C VAL A 55 -8.13 -8.95 13.30
N GLU A 56 -8.51 -7.66 13.41
CA GLU A 56 -7.84 -6.56 12.71
C GLU A 56 -7.50 -5.47 13.77
N VAL A 57 -6.32 -4.87 13.66
CA VAL A 57 -5.80 -4.00 14.73
C VAL A 57 -5.60 -2.51 14.40
N GLU A 58 -5.83 -2.08 13.14
CA GLU A 58 -5.50 -0.69 12.73
C GLU A 58 -6.69 0.30 12.70
N GLY A 59 -7.89 -0.15 13.03
CA GLY A 59 -9.08 0.71 13.04
C GLY A 59 -9.60 1.05 11.66
N ARG A 60 -9.12 0.33 10.63
CA ARG A 60 -9.46 0.57 9.22
C ARG A 60 -10.71 -0.13 8.75
N GLN A 61 -11.33 -0.97 9.61
CA GLN A 61 -12.56 -1.71 9.29
C GLN A 61 -12.44 -2.53 7.97
N GLY A 62 -11.29 -3.16 7.77
CA GLY A 62 -11.01 -3.98 6.61
C GLY A 62 -11.83 -5.25 6.51
N ILE A 63 -12.29 -5.80 7.67
CA ILE A 63 -13.12 -7.01 7.69
C ILE A 63 -14.50 -6.64 7.17
N ALA A 64 -15.09 -5.51 7.66
CA ALA A 64 -16.40 -5.01 7.23
C ALA A 64 -16.38 -4.73 5.73
N GLN A 65 -15.31 -4.09 5.24
CA GLN A 65 -15.12 -3.80 3.83
C GLN A 65 -15.02 -5.10 3.00
N LEU A 66 -14.24 -6.07 3.46
CA LEU A 66 -14.07 -7.34 2.77
C LEU A 66 -15.37 -8.16 2.69
N PHE A 67 -16.18 -8.15 3.77
CA PHE A 67 -17.47 -8.86 3.77
C PHE A 67 -18.61 -7.98 3.25
N ASP A 68 -18.28 -6.73 2.85
CA ASP A 68 -19.23 -5.73 2.32
C ASP A 68 -20.44 -5.51 3.27
N VAL A 69 -20.14 -5.26 4.55
CA VAL A 69 -21.14 -5.00 5.59
C VAL A 69 -20.82 -3.65 6.24
N PRO A 70 -21.78 -3.04 6.99
CA PRO A 70 -21.47 -1.81 7.73
C PRO A 70 -20.34 -1.99 8.76
N PRO A 71 -19.71 -0.88 9.27
CA PRO A 71 -18.64 -1.01 10.28
C PRO A 71 -19.02 -1.84 11.50
N LEU A 72 -18.16 -2.78 11.88
CA LEU A 72 -18.36 -3.67 13.04
C LEU A 72 -18.07 -2.99 14.39
N PRO A 73 -18.87 -3.28 15.42
CA PRO A 73 -18.58 -2.71 16.75
C PRO A 73 -17.50 -3.52 17.48
N TYR A 74 -17.09 -3.08 18.68
CA TYR A 74 -16.07 -3.79 19.47
C TYR A 74 -16.70 -5.00 20.20
N GLN A 75 -16.98 -6.04 19.42
CA GLN A 75 -17.65 -7.27 19.82
C GLN A 75 -17.20 -8.36 18.91
N GLU A 76 -17.01 -9.56 19.45
CA GLU A 76 -16.66 -10.76 18.68
C GLU A 76 -17.98 -11.27 18.12
N LEU A 77 -18.16 -11.18 16.79
CA LEU A 77 -19.43 -11.56 16.14
C LEU A 77 -19.21 -12.52 15.01
N LYS A 78 -20.15 -13.47 14.83
CA LYS A 78 -20.09 -14.45 13.75
C LYS A 78 -20.23 -13.72 12.41
N ILE A 79 -19.21 -13.87 11.54
CA ILE A 79 -19.20 -13.22 10.24
C ILE A 79 -19.34 -14.24 9.09
N ALA A 80 -18.92 -15.49 9.30
CA ALA A 80 -18.99 -16.51 8.26
C ALA A 80 -19.19 -17.93 8.79
N THR A 81 -19.82 -18.78 7.97
CA THR A 81 -20.00 -20.19 8.25
C THR A 81 -18.92 -20.95 7.47
N ALA A 82 -18.08 -21.71 8.16
CA ALA A 82 -17.06 -22.52 7.49
C ALA A 82 -17.68 -23.88 7.15
N GLU A 83 -16.99 -24.66 6.29
CA GLU A 83 -17.32 -26.03 5.88
C GLU A 83 -17.60 -26.91 7.09
N ARG A 84 -18.66 -27.72 7.02
CA ARG A 84 -19.04 -28.67 8.06
C ARG A 84 -19.22 -28.07 9.48
N GLY A 85 -20.01 -27.00 9.57
CA GLY A 85 -20.38 -26.39 10.85
C GLY A 85 -19.34 -25.58 11.59
N GLY A 86 -18.32 -25.13 10.87
CA GLY A 86 -17.30 -24.30 11.46
C GLY A 86 -17.79 -22.87 11.53
N GLN A 87 -17.13 -22.06 12.34
CA GLN A 87 -17.53 -20.69 12.53
C GLN A 87 -16.33 -19.75 12.56
N VAL A 88 -16.46 -18.63 11.86
CA VAL A 88 -15.48 -17.56 11.87
C VAL A 88 -16.16 -16.35 12.54
N ASN A 89 -15.56 -15.87 13.61
CA ASN A 89 -15.99 -14.67 14.32
C ASN A 89 -15.08 -13.54 13.90
N ALA A 90 -15.56 -12.31 13.96
CA ALA A 90 -14.75 -11.13 13.61
C ALA A 90 -14.56 -10.25 14.82
N LEU A 91 -13.36 -9.71 14.99
CA LEU A 91 -13.07 -8.70 16.00
C LEU A 91 -12.30 -7.52 15.41
N ALA A 92 -13.00 -6.40 15.18
CA ALA A 92 -12.37 -5.16 14.72
C ALA A 92 -12.05 -4.42 16.01
N ILE A 93 -10.80 -4.46 16.46
CA ILE A 93 -10.44 -3.81 17.72
C ILE A 93 -10.59 -2.29 17.61
N ASP A 94 -11.34 -1.72 18.55
CA ASP A 94 -11.52 -0.29 18.70
C ASP A 94 -10.49 0.11 19.77
N ILE A 95 -9.40 0.80 19.38
CA ILE A 95 -8.29 1.20 20.26
C ILE A 95 -8.75 2.10 21.45
N GLU A 96 -9.77 2.94 21.22
CA GLU A 96 -10.35 3.85 22.21
C GLU A 96 -11.07 3.06 23.31
N ALA A 97 -11.99 2.16 22.92
CA ALA A 97 -12.72 1.28 23.84
C ALA A 97 -11.74 0.35 24.57
N ALA A 98 -10.66 -0.11 23.90
CA ALA A 98 -9.60 -0.95 24.49
C ALA A 98 -8.82 -0.19 25.55
N PHE A 99 -8.57 1.13 25.36
CA PHE A 99 -7.85 1.98 26.31
C PHE A 99 -8.65 2.21 27.59
N LEU A 100 -9.98 2.46 27.46
CA LEU A 100 -10.92 2.64 28.58
C LEU A 100 -11.05 1.35 29.37
N GLU A 101 -11.14 0.22 28.67
CA GLU A 101 -11.22 -1.14 29.22
C GLU A 101 -9.96 -1.37 30.10
N TYR A 102 -8.78 -0.98 29.58
CA TYR A 102 -7.48 -1.08 30.22
C TYR A 102 -7.41 -0.15 31.45
N LEU A 103 -7.86 1.11 31.32
CA LEU A 103 -7.90 2.09 32.41
C LEU A 103 -8.75 1.60 33.58
N ASP A 104 -9.90 0.99 33.27
CA ASP A 104 -10.86 0.44 34.22
C ASP A 104 -10.36 -0.84 34.90
N MET A 105 -9.83 -1.82 34.13
CA MET A 105 -9.35 -3.09 34.67
C MET A 105 -8.03 -2.96 35.47
N PHE A 106 -7.03 -2.24 34.95
CA PHE A 106 -5.74 -2.17 35.63
C PHE A 106 -5.51 -0.97 36.55
N TYR A 107 -6.31 0.09 36.43
CA TYR A 107 -6.11 1.28 37.27
C TYR A 107 -7.39 1.79 37.94
N ASN A 108 -8.55 1.16 37.63
CA ASN A 108 -9.89 1.56 38.11
C ASN A 108 -10.14 3.06 37.82
N LEU A 109 -9.83 3.45 36.57
CA LEU A 109 -9.96 4.82 36.06
C LEU A 109 -11.05 4.95 34.98
N GLY A 110 -12.09 4.12 35.09
CA GLY A 110 -13.25 4.14 34.21
C GLY A 110 -13.95 5.49 34.17
N ILE A 111 -14.02 6.18 35.32
CA ILE A 111 -14.62 7.53 35.45
C ILE A 111 -13.84 8.56 34.62
N ALA A 112 -12.51 8.61 34.84
CA ALA A 112 -11.55 9.46 34.16
C ALA A 112 -11.56 9.16 32.66
N GLY A 113 -11.66 7.87 32.32
CA GLY A 113 -11.72 7.39 30.94
C GLY A 113 -12.92 7.88 30.16
N ARG A 114 -14.12 7.81 30.75
CA ARG A 114 -15.38 8.26 30.14
C ARG A 114 -15.42 9.78 29.98
N ALA A 115 -14.67 10.51 30.84
CA ALA A 115 -14.53 11.96 30.78
C ALA A 115 -13.63 12.31 29.59
N MET A 116 -12.55 11.52 29.39
CA MET A 116 -11.57 11.65 28.31
C MET A 116 -12.19 11.45 26.91
N ARG A 117 -13.05 10.44 26.78
CA ARG A 117 -13.77 10.09 25.55
C ARG A 117 -14.59 11.32 25.09
N ARG A 118 -15.26 12.00 26.06
CA ARG A 118 -16.09 13.18 25.83
C ARG A 118 -15.32 14.43 25.35
N ILE A 119 -13.97 14.45 25.47
CA ILE A 119 -13.13 15.58 25.05
C ILE A 119 -12.07 15.17 23.97
N GLY A 120 -12.15 13.93 23.48
CA GLY A 120 -11.24 13.37 22.48
C GLY A 120 -9.84 13.06 22.98
N ALA A 121 -9.70 12.87 24.31
CA ALA A 121 -8.40 12.65 24.97
C ALA A 121 -7.86 11.24 24.86
N VAL A 122 -8.72 10.25 24.54
CA VAL A 122 -8.34 8.83 24.37
C VAL A 122 -7.66 8.72 23.00
N GLU A 123 -8.25 9.41 21.99
CA GLU A 123 -7.71 9.52 20.64
C GLU A 123 -6.32 10.18 20.69
N PHE A 124 -6.20 11.29 21.42
CA PHE A 124 -4.94 12.00 21.63
C PHE A 124 -3.87 11.06 22.17
N ALA A 125 -4.11 10.49 23.38
CA ALA A 125 -3.24 9.55 24.12
C ALA A 125 -2.74 8.34 23.29
N THR A 126 -3.63 7.71 22.50
CA THR A 126 -3.25 6.55 21.67
C THR A 126 -2.41 6.99 20.47
N THR A 127 -2.68 8.20 19.95
CA THR A 127 -1.92 8.76 18.83
C THR A 127 -0.50 9.19 19.26
N ILE A 128 -0.38 9.87 20.43
CA ILE A 128 0.91 10.43 20.88
C ILE A 128 1.81 9.41 21.58
N ALA A 129 1.29 8.19 21.86
CA ALA A 129 2.02 7.12 22.53
C ALA A 129 1.81 5.81 21.75
N PRO A 130 2.64 5.57 20.70
CA PRO A 130 2.48 4.38 19.86
C PRO A 130 2.71 3.05 20.57
N GLY A 131 3.54 3.07 21.62
CA GLY A 131 3.84 1.93 22.46
C GLY A 131 2.64 1.47 23.26
N LEU A 132 1.83 2.43 23.77
CA LEU A 132 0.59 2.13 24.50
C LEU A 132 -0.41 1.47 23.53
N ARG A 133 -0.46 1.96 22.29
CA ARG A 133 -1.29 1.43 21.22
C ARG A 133 -0.97 -0.05 20.99
N ASP A 134 0.33 -0.39 20.80
CA ASP A 134 0.77 -1.77 20.58
C ASP A 134 0.55 -2.63 21.79
N VAL A 135 0.74 -2.08 23.01
CA VAL A 135 0.51 -2.79 24.28
C VAL A 135 -0.96 -3.20 24.38
N LEU A 136 -1.90 -2.27 24.10
CA LEU A 136 -3.35 -2.55 24.11
C LEU A 136 -3.73 -3.59 23.06
N LEU A 137 -3.17 -3.48 21.84
CA LEU A 137 -3.45 -4.35 20.69
C LEU A 137 -2.94 -5.76 20.89
N THR A 138 -1.65 -5.92 21.18
CA THR A 138 -1.01 -7.22 21.45
C THR A 138 -1.56 -7.85 22.73
N GLY A 139 -1.96 -7.02 23.69
CA GLY A 139 -2.58 -7.43 24.94
C GLY A 139 -3.96 -8.03 24.73
N LYS A 140 -4.75 -7.43 23.83
CA LYS A 140 -6.07 -7.92 23.46
C LYS A 140 -5.96 -9.21 22.65
N ILE A 141 -5.00 -9.26 21.71
CA ILE A 141 -4.71 -10.44 20.90
C ILE A 141 -4.42 -11.62 21.82
N LYS A 142 -3.53 -11.44 22.82
CA LYS A 142 -3.20 -12.45 23.82
C LYS A 142 -4.43 -12.90 24.62
N GLU A 143 -5.33 -11.97 24.95
CA GLU A 143 -6.53 -12.26 25.72
C GLU A 143 -7.45 -13.22 24.96
N THR A 144 -7.60 -13.02 23.64
CA THR A 144 -8.46 -13.90 22.83
C THR A 144 -7.86 -15.27 22.64
N VAL A 145 -6.52 -15.35 22.58
CA VAL A 145 -5.77 -16.60 22.42
C VAL A 145 -5.90 -17.49 23.68
N VAL A 146 -5.62 -16.94 24.87
CA VAL A 146 -5.60 -17.69 26.13
C VAL A 146 -6.98 -17.81 26.82
N ARG A 147 -8.06 -17.20 26.26
CA ARG A 147 -9.38 -17.30 26.87
C ARG A 147 -9.93 -18.74 26.92
N LEU A 148 -10.49 -19.12 28.07
CA LEU A 148 -11.06 -20.46 28.29
C LEU A 148 -12.54 -20.43 28.63
N ASP A 149 -13.25 -21.51 28.29
CA ASP A 149 -14.67 -21.65 28.63
C ASP A 149 -14.84 -22.26 30.04
N LYS A 150 -16.10 -22.53 30.47
CA LYS A 150 -16.46 -23.13 31.77
C LYS A 150 -15.79 -24.49 31.99
N ASN A 151 -15.46 -25.20 30.89
CA ASN A 151 -14.83 -26.51 30.89
C ASN A 151 -13.29 -26.45 30.85
N LYS A 152 -12.71 -25.24 31.04
CA LYS A 152 -11.26 -24.94 31.01
C LYS A 152 -10.60 -25.31 29.66
N LEU A 153 -11.42 -25.27 28.58
CA LEU A 153 -11.00 -25.54 27.19
C LEU A 153 -10.97 -24.21 26.41
N PRO A 154 -10.08 -24.05 25.39
CA PRO A 154 -10.03 -22.76 24.66
C PRO A 154 -11.31 -22.42 23.95
N VAL A 155 -11.76 -21.17 24.06
CA VAL A 155 -12.97 -20.63 23.41
C VAL A 155 -12.78 -20.72 21.88
N TYR A 156 -11.60 -20.30 21.39
CA TYR A 156 -11.25 -20.35 19.98
C TYR A 156 -10.24 -21.43 19.69
N ASP A 157 -10.39 -22.11 18.57
CA ASP A 157 -9.44 -23.13 18.11
C ASP A 157 -8.18 -22.46 17.59
N ALA A 158 -8.35 -21.26 17.00
CA ALA A 158 -7.26 -20.44 16.48
C ALA A 158 -7.70 -18.98 16.37
N ILE A 159 -6.72 -18.09 16.32
CA ILE A 159 -6.88 -16.65 16.14
C ILE A 159 -6.05 -16.28 14.93
N VAL A 160 -6.67 -15.58 13.99
CA VAL A 160 -6.01 -15.13 12.77
C VAL A 160 -6.03 -13.63 12.82
N VAL A 161 -4.85 -13.02 12.81
CA VAL A 161 -4.70 -11.57 12.85
C VAL A 161 -4.35 -11.05 11.44
N ASP A 162 -5.24 -10.22 10.88
CA ASP A 162 -5.02 -9.44 9.66
C ASP A 162 -4.13 -8.31 10.29
N ALA A 163 -2.83 -8.50 10.17
CA ALA A 163 -1.83 -7.72 10.88
C ALA A 163 -1.30 -6.44 10.19
N PRO A 164 -0.58 -5.56 10.92
CA PRO A 164 0.08 -4.40 10.25
C PRO A 164 1.02 -4.85 9.09
N PRO A 165 1.42 -3.98 8.13
CA PRO A 165 2.25 -4.45 7.01
C PRO A 165 3.72 -4.78 7.37
N THR A 166 4.49 -5.30 6.37
CA THR A 166 5.91 -5.74 6.52
C THR A 166 6.82 -4.66 7.09
N GLY A 167 6.55 -3.40 6.75
CA GLY A 167 7.33 -2.27 7.24
C GLY A 167 7.11 -1.92 8.70
N ARG A 168 6.01 -2.45 9.34
CA ARG A 168 5.65 -2.15 10.73
C ARG A 168 5.50 -3.37 11.65
N ILE A 169 5.45 -4.59 11.09
CA ILE A 169 5.19 -5.84 11.82
C ILE A 169 6.19 -6.13 12.98
N ALA A 170 7.49 -5.88 12.78
CA ALA A 170 8.50 -6.18 13.80
C ALA A 170 8.38 -5.28 15.02
N ARG A 171 8.11 -3.97 14.83
CA ARG A 171 7.90 -2.99 15.89
C ARG A 171 6.58 -3.26 16.65
N PHE A 172 5.52 -3.63 15.93
CA PHE A 172 4.21 -3.95 16.49
C PHE A 172 4.34 -5.10 17.50
N LEU A 173 5.25 -6.05 17.21
CA LEU A 173 5.51 -7.23 18.02
C LEU A 173 6.68 -7.06 18.97
N ASP A 174 7.19 -5.81 19.10
CA ASP A 174 8.30 -5.50 19.98
C ASP A 174 7.76 -4.97 21.32
N VAL A 175 7.32 -5.92 22.15
CA VAL A 175 6.72 -5.72 23.46
C VAL A 175 7.63 -4.95 24.41
N THR A 176 8.94 -5.23 24.41
CA THR A 176 9.92 -4.55 25.23
C THR A 176 9.97 -3.07 24.87
N LYS A 177 10.15 -2.74 23.58
CA LYS A 177 10.17 -1.36 23.11
C LYS A 177 8.82 -0.64 23.34
N ALA A 178 7.68 -1.34 23.15
CA ALA A 178 6.36 -0.77 23.38
C ALA A 178 6.13 -0.40 24.87
N VAL A 179 6.56 -1.27 25.78
CA VAL A 179 6.44 -1.11 27.23
C VAL A 179 7.38 -0.01 27.77
N SER A 180 8.54 0.22 27.12
CA SER A 180 9.58 1.19 27.53
C SER A 180 9.08 2.58 27.93
N ASP A 181 8.13 3.14 27.19
CA ASP A 181 7.62 4.48 27.47
C ASP A 181 6.25 4.45 28.17
N LEU A 182 6.06 3.47 29.07
CA LEU A 182 4.86 3.38 29.88
C LEU A 182 5.22 3.52 31.37
N ALA A 183 4.22 3.84 32.22
CA ALA A 183 4.44 4.02 33.66
C ALA A 183 5.00 2.76 34.30
N LYS A 184 6.13 2.92 35.01
CA LYS A 184 6.91 1.89 35.72
C LYS A 184 6.12 1.30 36.88
N GLY A 185 6.17 -0.02 37.00
CA GLY A 185 5.43 -0.75 38.03
C GLY A 185 3.99 -0.99 37.63
N GLY A 186 3.27 -1.73 38.47
CA GLY A 186 1.87 -2.06 38.22
C GLY A 186 1.64 -3.41 37.55
N PRO A 187 0.40 -3.67 37.05
CA PRO A 187 0.13 -4.99 36.45
C PRO A 187 0.42 -5.11 34.95
N VAL A 188 0.62 -3.97 34.26
CA VAL A 188 0.93 -3.89 32.82
C VAL A 188 2.25 -4.62 32.45
N HIS A 189 3.24 -4.60 33.38
CA HIS A 189 4.54 -5.24 33.20
C HIS A 189 4.48 -6.76 33.41
N ALA A 190 3.53 -7.25 34.23
CA ALA A 190 3.32 -8.68 34.48
C ALA A 190 2.62 -9.33 33.27
N GLN A 191 1.69 -8.57 32.64
CA GLN A 191 0.92 -9.01 31.47
C GLN A 191 1.81 -9.13 30.22
N SER A 192 2.73 -8.16 30.05
CA SER A 192 3.68 -8.07 28.93
C SER A 192 4.63 -9.26 28.85
N GLU A 193 4.96 -9.86 30.00
CA GLU A 193 5.80 -11.05 30.09
C GLU A 193 5.08 -12.23 29.41
N GLY A 194 3.75 -12.29 29.63
CA GLY A 194 2.85 -13.29 29.06
C GLY A 194 2.72 -13.13 27.55
N VAL A 195 2.71 -11.87 27.06
CA VAL A 195 2.62 -11.52 25.63
C VAL A 195 3.90 -11.98 24.92
N VAL A 196 5.08 -11.68 25.51
CA VAL A 196 6.40 -12.07 24.99
C VAL A 196 6.47 -13.60 24.89
N LYS A 197 6.06 -14.33 25.97
CA LYS A 197 6.08 -15.79 26.04
C LYS A 197 5.24 -16.37 24.92
N LEU A 198 3.99 -15.87 24.73
CA LEU A 198 3.08 -16.31 23.68
C LEU A 198 3.66 -16.06 22.31
N LEU A 199 4.14 -14.82 22.04
CA LEU A 199 4.72 -14.44 20.73
C LEU A 199 5.96 -15.25 20.35
N HIS A 200 6.90 -15.47 21.30
CA HIS A 200 8.13 -16.26 21.10
C HIS A 200 7.90 -17.74 21.48
N SER A 201 6.89 -18.38 20.87
CA SER A 201 6.57 -19.78 21.15
C SER A 201 6.03 -20.49 19.92
N ASN A 202 5.94 -21.84 20.01
CA ASN A 202 5.39 -22.76 19.00
C ASN A 202 3.87 -22.60 18.81
N GLN A 203 3.24 -21.74 19.65
CA GLN A 203 1.82 -21.41 19.64
C GLN A 203 1.49 -20.25 18.68
N THR A 204 2.53 -19.54 18.19
CA THR A 204 2.43 -18.42 17.27
C THR A 204 3.18 -18.75 15.97
N ALA A 205 2.79 -18.10 14.85
CA ALA A 205 3.40 -18.17 13.51
C ALA A 205 3.03 -16.89 12.76
N ILE A 206 4.03 -16.26 12.13
CA ILE A 206 3.89 -15.04 11.33
C ILE A 206 3.97 -15.49 9.87
N HIS A 207 2.90 -15.26 9.12
CA HIS A 207 2.77 -15.57 7.70
C HIS A 207 2.97 -14.29 6.95
N LEU A 208 3.65 -14.37 5.80
CA LEU A 208 4.01 -13.22 5.01
C LEU A 208 3.49 -13.37 3.61
N VAL A 209 2.49 -12.53 3.28
CA VAL A 209 1.86 -12.43 1.97
C VAL A 209 2.78 -11.60 1.07
N THR A 210 2.96 -12.06 -0.18
CA THR A 210 3.77 -11.39 -1.18
C THR A 210 3.19 -11.54 -2.58
N LEU A 211 3.47 -10.56 -3.46
CA LEU A 211 3.15 -10.62 -4.88
C LEU A 211 4.50 -10.88 -5.55
N LEU A 212 4.48 -11.46 -6.75
CA LEU A 212 5.71 -11.69 -7.49
C LEU A 212 6.14 -10.37 -8.16
N GLU A 213 6.41 -9.37 -7.30
CA GLU A 213 6.85 -7.99 -7.64
C GLU A 213 8.04 -7.64 -6.74
N ALA A 214 8.92 -6.78 -7.23
CA ALA A 214 10.19 -6.41 -6.58
C ALA A 214 10.06 -5.93 -5.12
N LEU A 215 9.26 -4.87 -4.86
CA LEU A 215 9.06 -4.31 -3.52
C LEU A 215 8.34 -5.27 -2.56
N PRO A 216 7.21 -5.96 -2.90
CA PRO A 216 6.62 -6.92 -1.94
C PRO A 216 7.59 -8.04 -1.55
N VAL A 217 8.43 -8.53 -2.48
CA VAL A 217 9.42 -9.58 -2.21
C VAL A 217 10.59 -9.06 -1.32
N GLN A 218 11.09 -7.84 -1.59
CA GLN A 218 12.18 -7.23 -0.81
C GLN A 218 11.72 -7.00 0.64
N GLU A 219 10.47 -6.55 0.82
CA GLU A 219 9.89 -6.29 2.11
C GLU A 219 9.67 -7.57 2.90
N THR A 220 9.32 -8.67 2.19
CA THR A 220 9.16 -10.02 2.74
C THR A 220 10.50 -10.49 3.33
N LEU A 221 11.59 -10.45 2.52
CA LEU A 221 12.95 -10.84 2.92
C LEU A 221 13.47 -10.02 4.10
N GLU A 222 13.29 -8.70 4.05
CA GLU A 222 13.68 -7.76 5.10
C GLU A 222 12.93 -7.99 6.40
N ALA A 223 11.61 -8.28 6.31
CA ALA A 223 10.75 -8.55 7.48
C ALA A 223 11.15 -9.84 8.15
N ILE A 224 11.37 -10.92 7.37
CA ILE A 224 11.82 -12.23 7.87
C ILE A 224 13.11 -12.08 8.66
N GLU A 225 14.06 -11.28 8.14
CA GLU A 225 15.35 -11.04 8.80
C GLU A 225 15.20 -10.30 10.13
N GLU A 226 14.32 -9.27 10.19
CA GLU A 226 14.10 -8.54 11.44
C GLU A 226 13.48 -9.48 12.48
N LEU A 227 12.45 -10.24 12.08
CA LEU A 227 11.73 -11.16 12.95
C LEU A 227 12.58 -12.33 13.46
N ALA A 228 13.42 -12.93 12.60
CA ALA A 228 14.35 -14.01 12.97
C ALA A 228 15.34 -13.50 14.03
N GLN A 229 15.83 -12.25 13.88
CA GLN A 229 16.72 -11.59 14.84
C GLN A 229 16.02 -11.40 16.17
N MET A 230 14.71 -11.18 16.14
CA MET A 230 13.89 -11.01 17.33
C MET A 230 13.47 -12.35 17.91
N GLU A 231 13.83 -13.48 17.24
CA GLU A 231 13.49 -14.85 17.63
C GLU A 231 11.96 -15.06 17.61
N LEU A 232 11.28 -14.37 16.67
CA LEU A 232 9.84 -14.48 16.48
C LEU A 232 9.56 -15.60 15.44
N PRO A 233 8.55 -16.48 15.67
CA PRO A 233 8.34 -17.62 14.76
C PRO A 233 7.73 -17.29 13.41
N ILE A 234 8.43 -17.71 12.33
CA ILE A 234 7.97 -17.56 10.94
C ILE A 234 7.15 -18.80 10.59
N GLY A 235 6.04 -18.58 9.90
CA GLY A 235 5.15 -19.62 9.40
C GLY A 235 5.42 -19.92 7.94
N SER A 236 4.70 -19.27 7.06
CA SER A 236 4.78 -19.46 5.61
C SER A 236 4.90 -18.16 4.86
N VAL A 237 5.46 -18.24 3.66
CA VAL A 237 5.45 -17.15 2.70
C VAL A 237 4.27 -17.53 1.78
N ILE A 238 3.27 -16.66 1.67
CA ILE A 238 2.12 -16.91 0.82
C ILE A 238 2.22 -16.03 -0.42
N VAL A 239 2.45 -16.67 -1.60
CA VAL A 239 2.56 -15.98 -2.89
C VAL A 239 1.17 -15.86 -3.44
N ASN A 240 0.63 -14.63 -3.43
CA ASN A 240 -0.71 -14.32 -3.91
C ASN A 240 -0.68 -13.94 -5.40
N ARG A 241 -1.88 -14.05 -6.03
CA ARG A 241 -2.22 -13.68 -7.40
C ARG A 241 -1.26 -14.24 -8.43
N ASN A 242 -1.13 -15.56 -8.41
CA ASN A 242 -0.34 -16.26 -9.38
C ASN A 242 -1.10 -16.27 -10.70
N ILE A 243 -0.35 -16.34 -11.81
CA ILE A 243 -0.93 -16.35 -13.15
C ILE A 243 -0.38 -17.55 -13.92
N PRO A 244 -1.12 -18.08 -14.93
CA PRO A 244 -0.58 -19.24 -15.68
C PRO A 244 0.54 -18.84 -16.63
N ALA A 245 1.60 -19.65 -16.64
CA ALA A 245 2.69 -19.44 -17.61
C ALA A 245 2.18 -19.81 -19.01
N HIS A 246 1.35 -20.84 -19.08
CA HIS A 246 0.75 -21.34 -20.33
C HIS A 246 1.79 -21.70 -21.40
N LEU A 247 3.06 -21.71 -21.00
CA LEU A 247 4.13 -22.05 -21.92
C LEU A 247 5.14 -23.01 -21.28
N GLU A 248 5.74 -23.88 -22.09
CA GLU A 248 6.72 -24.82 -21.61
C GLU A 248 8.01 -24.07 -21.27
N PRO A 249 8.77 -24.56 -20.28
CA PRO A 249 10.01 -23.85 -19.90
C PRO A 249 10.97 -23.43 -21.03
N GLN A 250 11.22 -24.33 -22.02
CA GLN A 250 12.10 -24.04 -23.16
C GLN A 250 11.50 -23.02 -24.13
N ASP A 251 10.19 -23.18 -24.44
CA ASP A 251 9.43 -22.28 -25.32
C ASP A 251 9.34 -20.89 -24.71
N LEU A 252 9.12 -20.82 -23.37
CA LEU A 252 9.01 -19.60 -22.58
C LEU A 252 10.32 -18.83 -22.56
N ALA A 253 11.45 -19.53 -22.24
CA ALA A 253 12.78 -18.94 -22.20
C ALA A 253 13.16 -18.33 -23.56
N LYS A 254 12.75 -19.00 -24.66
CA LYS A 254 12.98 -18.56 -26.05
C LYS A 254 12.13 -17.33 -26.35
N ALA A 255 10.80 -17.41 -26.10
CA ALA A 255 9.83 -16.33 -26.33
C ALA A 255 10.14 -15.02 -25.58
N ALA A 256 10.82 -15.13 -24.42
CA ALA A 256 11.29 -14.00 -23.60
C ALA A 256 12.42 -13.25 -24.32
N GLU A 257 13.07 -13.92 -25.31
CA GLU A 257 14.15 -13.35 -26.15
C GLU A 257 13.64 -12.86 -27.51
N GLY A 258 12.37 -13.11 -27.81
CA GLY A 258 11.72 -12.71 -29.05
C GLY A 258 11.61 -13.82 -30.08
N GLU A 259 12.02 -14.99 -29.68
CA GLU A 259 12.02 -16.07 -30.55
C GLU A 259 10.88 -16.92 -30.22
N VAL A 260 10.02 -16.99 -31.19
CA VAL A 260 8.82 -17.78 -31.25
C VAL A 260 8.95 -18.41 -32.64
N ASP A 261 8.68 -19.70 -32.75
CA ASP A 261 8.77 -20.40 -34.03
C ASP A 261 7.49 -20.19 -34.84
N ALA A 262 7.52 -19.18 -35.72
CA ALA A 262 6.36 -18.86 -36.54
C ALA A 262 5.87 -20.05 -37.36
N ASP A 263 6.81 -20.81 -37.92
CA ASP A 263 6.45 -21.96 -38.75
C ASP A 263 5.63 -22.97 -37.94
N SER A 264 6.13 -23.28 -36.75
CA SER A 264 5.45 -24.21 -35.83
C SER A 264 4.09 -23.66 -35.35
N VAL A 265 3.98 -22.31 -35.20
CA VAL A 265 2.75 -21.61 -34.79
C VAL A 265 1.74 -21.59 -35.96
N ARG A 266 2.24 -21.29 -37.19
CA ARG A 266 1.45 -21.28 -38.43
C ARG A 266 0.90 -22.69 -38.72
N ALA A 267 1.73 -23.74 -38.45
CA ALA A 267 1.40 -25.15 -38.62
C ALA A 267 0.28 -25.59 -37.68
N GLY A 268 0.40 -25.26 -36.40
CA GLY A 268 -0.59 -25.59 -35.37
C GLY A 268 -1.90 -24.84 -35.56
N LEU A 269 -1.86 -23.69 -36.25
CA LEU A 269 -3.05 -22.90 -36.53
C LEU A 269 -3.85 -23.50 -37.68
N LEU A 270 -3.16 -24.18 -38.63
CA LEU A 270 -3.77 -24.87 -39.77
C LEU A 270 -4.61 -26.07 -39.29
N THR A 271 -4.07 -26.86 -38.34
CA THR A 271 -4.68 -28.01 -37.69
C THR A 271 -5.98 -27.60 -36.95
N ALA A 272 -5.99 -26.40 -36.33
CA ALA A 272 -7.11 -25.83 -35.59
C ALA A 272 -8.16 -25.14 -36.50
N GLY A 273 -7.90 -25.10 -37.81
CA GLY A 273 -8.76 -24.48 -38.79
C GLY A 273 -8.78 -22.97 -38.68
N VAL A 274 -7.57 -22.36 -38.57
CA VAL A 274 -7.37 -20.91 -38.43
C VAL A 274 -6.21 -20.44 -39.34
N LYS A 275 -6.50 -19.49 -40.23
CA LYS A 275 -5.53 -18.87 -41.13
C LYS A 275 -5.54 -17.39 -40.78
N LEU A 276 -4.36 -16.84 -40.46
CA LEU A 276 -4.25 -15.46 -40.01
C LEU A 276 -3.48 -14.55 -40.97
N PRO A 277 -3.94 -13.28 -41.18
CA PRO A 277 -3.17 -12.34 -42.01
C PRO A 277 -1.84 -11.96 -41.35
N ASP A 278 -0.84 -11.53 -42.14
CA ASP A 278 0.51 -11.19 -41.68
C ASP A 278 0.58 -10.19 -40.52
N ALA A 279 -0.26 -9.12 -40.55
CA ALA A 279 -0.32 -8.09 -39.49
C ALA A 279 -0.91 -8.63 -38.18
N ASP A 280 -1.82 -9.62 -38.29
CA ASP A 280 -2.47 -10.26 -37.14
C ASP A 280 -1.63 -11.40 -36.58
N PHE A 281 -0.88 -12.09 -37.46
CA PHE A 281 0.02 -13.18 -37.09
C PHE A 281 1.20 -12.64 -36.31
N ALA A 282 1.77 -11.50 -36.78
CA ALA A 282 2.88 -10.80 -36.15
C ALA A 282 2.45 -10.29 -34.75
N GLY A 283 1.22 -9.78 -34.67
CA GLY A 283 0.61 -9.29 -33.44
C GLY A 283 0.41 -10.37 -32.39
N LEU A 284 0.00 -11.57 -32.84
CA LEU A 284 -0.22 -12.76 -32.03
C LEU A 284 1.12 -13.25 -31.43
N LEU A 285 2.23 -13.12 -32.20
CA LEU A 285 3.56 -13.51 -31.78
C LEU A 285 4.14 -12.57 -30.71
N THR A 286 4.01 -11.23 -30.88
CA THR A 286 4.51 -10.25 -29.90
C THR A 286 3.71 -10.29 -28.58
N GLU A 287 2.47 -10.81 -28.62
CA GLU A 287 1.60 -10.99 -27.45
C GLU A 287 2.16 -12.10 -26.57
N THR A 288 2.73 -13.16 -27.20
CA THR A 288 3.34 -14.29 -26.50
C THR A 288 4.74 -13.93 -26.01
N ILE A 289 5.45 -13.05 -26.76
CA ILE A 289 6.77 -12.54 -26.35
C ILE A 289 6.56 -11.70 -25.07
N GLN A 290 5.54 -10.82 -25.06
CA GLN A 290 5.19 -9.95 -23.92
C GLN A 290 4.75 -10.74 -22.69
N HIS A 291 4.05 -11.88 -22.90
CA HIS A 291 3.63 -12.77 -21.81
C HIS A 291 4.85 -13.48 -21.22
N ALA A 292 5.70 -14.07 -22.10
CA ALA A 292 6.93 -14.77 -21.73
C ALA A 292 7.88 -13.89 -20.94
N THR A 293 8.02 -12.60 -21.34
CA THR A 293 8.84 -11.57 -20.68
C THR A 293 8.31 -11.28 -19.27
N ARG A 294 6.98 -11.28 -19.08
CA ARG A 294 6.38 -11.05 -17.77
C ARG A 294 6.60 -12.24 -16.82
N ILE A 295 6.40 -13.48 -17.30
CA ILE A 295 6.60 -14.71 -16.51
C ILE A 295 8.07 -14.84 -16.09
N THR A 296 9.01 -14.60 -17.04
CA THR A 296 10.45 -14.67 -16.83
C THR A 296 10.88 -13.69 -15.73
N ALA A 297 10.46 -12.41 -15.84
CA ALA A 297 10.73 -11.36 -14.85
C ALA A 297 10.16 -11.76 -13.46
N ARG A 298 8.93 -12.35 -13.43
CA ARG A 298 8.27 -12.82 -12.20
C ARG A 298 9.02 -14.00 -11.58
N ALA A 299 9.59 -14.89 -12.40
CA ALA A 299 10.38 -16.05 -11.96
C ALA A 299 11.72 -15.59 -11.35
N GLU A 300 12.38 -14.56 -11.95
CA GLU A 300 13.63 -13.97 -11.45
C GLU A 300 13.43 -13.36 -10.05
N ILE A 301 12.25 -12.73 -9.84
CA ILE A 301 11.83 -12.10 -8.59
C ILE A 301 11.54 -13.18 -7.54
N ALA A 302 10.79 -14.25 -7.94
CA ALA A 302 10.44 -15.42 -7.11
C ALA A 302 11.67 -16.16 -6.58
N GLN A 303 12.71 -16.26 -7.42
CA GLN A 303 13.98 -16.93 -7.14
C GLN A 303 14.66 -16.36 -5.90
N GLN A 304 14.47 -15.05 -5.62
CA GLN A 304 15.01 -14.38 -4.43
C GLN A 304 14.50 -15.01 -3.11
N LEU A 305 13.29 -15.62 -3.15
CA LEU A 305 12.66 -16.29 -2.01
C LEU A 305 13.20 -17.71 -1.79
N ASP A 306 13.83 -18.33 -2.81
CA ASP A 306 14.40 -19.69 -2.77
C ASP A 306 15.48 -19.88 -1.70
N ALA A 307 16.17 -18.79 -1.37
CA ALA A 307 17.22 -18.72 -0.35
C ALA A 307 16.65 -18.93 1.05
N LEU A 308 15.33 -18.65 1.24
CA LEU A 308 14.65 -18.83 2.53
C LEU A 308 14.27 -20.28 2.69
N GLN A 309 14.64 -20.90 3.81
CA GLN A 309 14.24 -22.28 4.06
C GLN A 309 12.93 -22.20 4.83
N VAL A 310 11.95 -21.56 4.21
CA VAL A 310 10.62 -21.24 4.72
C VAL A 310 9.57 -21.90 3.83
N PRO A 311 8.54 -22.57 4.42
CA PRO A 311 7.47 -23.14 3.58
C PRO A 311 6.76 -22.06 2.77
N ARG A 312 6.34 -22.40 1.54
CA ARG A 312 5.69 -21.47 0.63
C ARG A 312 4.36 -21.99 0.14
N LEU A 313 3.33 -21.13 0.14
CA LEU A 313 2.00 -21.43 -0.35
C LEU A 313 1.74 -20.53 -1.54
N GLU A 314 0.91 -20.99 -2.48
CA GLU A 314 0.58 -20.25 -3.70
C GLU A 314 -0.89 -20.17 -3.87
N LEU A 315 -1.39 -18.95 -4.06
CA LEU A 315 -2.80 -18.66 -4.31
C LEU A 315 -2.99 -18.13 -5.73
N PRO A 316 -4.08 -18.53 -6.43
CA PRO A 316 -4.29 -18.03 -7.79
C PRO A 316 -4.88 -16.61 -7.79
N THR A 317 -5.05 -16.04 -8.99
CA THR A 317 -5.71 -14.76 -9.17
C THR A 317 -7.20 -15.03 -9.35
N VAL A 318 -8.04 -14.29 -8.61
CA VAL A 318 -9.49 -14.35 -8.77
C VAL A 318 -9.80 -13.40 -9.97
N SER A 319 -10.48 -13.93 -10.98
CA SER A 319 -10.84 -13.16 -12.17
C SER A 319 -11.51 -11.82 -11.88
N ASP A 320 -12.72 -11.87 -11.34
CA ASP A 320 -13.47 -10.66 -11.02
C ASP A 320 -13.22 -10.19 -9.59
N GLY A 321 -13.95 -9.18 -9.15
CA GLY A 321 -13.80 -8.67 -7.79
C GLY A 321 -13.91 -9.74 -6.73
N VAL A 322 -12.97 -9.73 -5.79
CA VAL A 322 -12.95 -10.69 -4.69
C VAL A 322 -14.28 -10.50 -3.97
N ASP A 323 -15.10 -11.55 -3.94
CA ASP A 323 -16.38 -11.55 -3.25
C ASP A 323 -16.38 -12.70 -2.23
N LEU A 324 -17.54 -13.02 -1.60
CA LEU A 324 -17.63 -14.11 -0.63
C LEU A 324 -17.21 -15.47 -1.22
N GLY A 325 -17.71 -15.77 -2.42
CA GLY A 325 -17.38 -16.98 -3.16
C GLY A 325 -15.90 -17.13 -3.42
N SER A 326 -15.21 -16.00 -3.66
CA SER A 326 -13.76 -15.91 -3.90
C SER A 326 -13.00 -16.30 -2.66
N LEU A 327 -13.46 -15.87 -1.46
CA LEU A 327 -12.81 -16.23 -0.18
C LEU A 327 -12.87 -17.74 0.02
N TYR A 328 -14.01 -18.37 -0.33
CA TYR A 328 -14.16 -19.83 -0.25
C TYR A 328 -13.27 -20.56 -1.26
N GLU A 329 -13.05 -20.00 -2.47
CA GLU A 329 -12.13 -20.58 -3.47
C GLU A 329 -10.71 -20.55 -2.97
N LEU A 330 -10.30 -19.43 -2.34
CA LEU A 330 -8.95 -19.24 -1.80
C LEU A 330 -8.72 -20.13 -0.60
N SER A 331 -9.75 -20.31 0.25
CA SER A 331 -9.75 -21.20 1.43
C SER A 331 -9.54 -22.64 0.95
N GLU A 332 -10.29 -23.02 -0.09
CA GLU A 332 -10.21 -24.32 -0.76
C GLU A 332 -8.80 -24.55 -1.32
N SER A 333 -8.22 -23.55 -1.98
CA SER A 333 -6.87 -23.61 -2.54
C SER A 333 -5.83 -23.84 -1.41
N LEU A 334 -6.00 -23.18 -0.25
CA LEU A 334 -5.15 -23.35 0.93
C LEU A 334 -5.26 -24.78 1.49
N ALA A 335 -6.49 -25.30 1.64
CA ALA A 335 -6.79 -26.65 2.13
C ALA A 335 -6.11 -27.71 1.25
N GLN A 336 -6.11 -27.50 -0.08
CA GLN A 336 -5.47 -28.40 -1.03
C GLN A 336 -3.95 -28.50 -0.88
N GLN A 337 -3.32 -27.45 -0.31
CA GLN A 337 -1.88 -27.33 -0.07
C GLN A 337 -1.49 -27.83 1.34
N GLY A 338 -2.48 -28.38 2.06
CA GLY A 338 -2.29 -28.96 3.38
C GLY A 338 -2.58 -28.07 4.56
N VAL A 339 -3.13 -26.88 4.33
CA VAL A 339 -3.45 -25.94 5.41
C VAL A 339 -4.62 -26.51 6.25
N ARG A 340 -4.38 -26.75 7.56
CA ARG A 340 -5.35 -27.35 8.48
C ARG A 340 -5.07 -26.98 9.95
N PRO B 5 -15.25 9.57 -26.13
CA PRO B 5 -14.22 9.74 -25.07
C PRO B 5 -13.04 10.60 -25.54
N LYS B 6 -12.97 11.85 -25.04
CA LYS B 6 -11.94 12.86 -25.38
C LYS B 6 -10.52 12.35 -25.07
N THR B 7 -9.56 12.58 -25.99
CA THR B 7 -8.19 12.13 -25.77
C THR B 7 -7.41 13.20 -25.01
N LEU B 8 -6.75 12.81 -23.91
CA LEU B 8 -5.89 13.69 -23.11
C LEU B 8 -4.63 13.99 -23.95
N ASP B 9 -4.30 15.29 -24.09
CA ASP B 9 -3.14 15.74 -24.84
C ASP B 9 -2.06 16.27 -23.89
N MET B 10 -1.34 15.34 -23.19
CA MET B 10 -0.27 15.69 -22.26
C MET B 10 0.86 16.47 -22.92
N GLY B 11 1.12 16.19 -24.18
CA GLY B 11 2.14 16.89 -24.95
C GLY B 11 1.89 18.39 -25.01
N ALA B 12 0.66 18.79 -25.37
CA ALA B 12 0.26 20.19 -25.45
C ALA B 12 0.30 20.88 -24.07
N ILE B 13 -0.14 20.19 -23.00
CA ILE B 13 -0.12 20.71 -21.63
C ILE B 13 1.35 20.95 -21.19
N LEU B 14 2.26 19.99 -21.48
CA LEU B 14 3.67 20.13 -21.12
C LEU B 14 4.38 21.23 -21.88
N ALA B 15 4.07 21.40 -23.17
CA ALA B 15 4.69 22.38 -24.06
C ALA B 15 4.23 23.80 -23.78
N ASP B 16 3.06 23.95 -23.16
CA ASP B 16 2.48 25.25 -22.81
C ASP B 16 3.01 25.75 -21.45
N THR B 17 3.84 26.82 -21.49
CA THR B 17 4.54 27.34 -20.30
C THR B 17 3.65 28.15 -19.33
N SER B 18 2.35 28.30 -19.64
CA SER B 18 1.40 28.94 -18.74
C SER B 18 1.02 27.90 -17.64
N ASN B 19 1.28 26.58 -17.89
CA ASN B 19 1.15 25.46 -16.95
C ASN B 19 2.51 25.37 -16.23
N ARG B 20 2.50 25.77 -14.96
CA ARG B 20 3.65 25.90 -14.08
C ARG B 20 3.83 24.74 -13.13
N VAL B 21 2.73 24.11 -12.73
CA VAL B 21 2.69 23.00 -11.75
C VAL B 21 1.78 21.89 -12.29
N VAL B 22 2.29 20.65 -12.32
CA VAL B 22 1.55 19.45 -12.75
C VAL B 22 1.56 18.45 -11.57
N VAL B 23 0.38 18.18 -10.97
CA VAL B 23 0.27 17.29 -9.81
C VAL B 23 -0.24 15.93 -10.24
N CYS B 24 0.52 14.87 -9.95
CA CYS B 24 0.18 13.49 -10.31
C CYS B 24 -0.39 12.76 -9.10
N CYS B 25 -1.70 12.53 -9.17
CA CYS B 25 -2.56 12.00 -8.13
C CYS B 25 -3.15 10.65 -8.46
N GLY B 26 -3.70 10.00 -7.44
CA GLY B 26 -4.31 8.68 -7.52
C GLY B 26 -3.85 7.81 -6.37
N ALA B 27 -4.28 6.53 -6.37
CA ALA B 27 -3.88 5.59 -5.33
C ALA B 27 -2.41 5.17 -5.54
N GLY B 28 -1.82 4.50 -4.56
CA GLY B 28 -0.46 3.99 -4.69
C GLY B 28 -0.43 2.73 -5.55
N GLY B 29 0.70 2.54 -6.23
CA GLY B 29 0.96 1.38 -7.07
C GLY B 29 0.33 1.42 -8.44
N VAL B 30 -0.05 2.62 -8.92
CA VAL B 30 -0.70 2.79 -10.23
C VAL B 30 0.25 3.30 -11.33
N GLY B 31 1.42 3.82 -10.93
CA GLY B 31 2.40 4.42 -11.82
C GLY B 31 2.56 5.93 -11.66
N LYS B 32 2.22 6.50 -10.47
CA LYS B 32 2.36 7.96 -10.26
C LYS B 32 3.77 8.50 -10.36
N THR B 33 4.76 7.84 -9.72
CA THR B 33 6.16 8.28 -9.69
C THR B 33 6.79 8.26 -11.07
N THR B 34 6.57 7.18 -11.81
CA THR B 34 7.06 6.99 -13.18
C THR B 34 6.36 7.96 -14.15
N THR B 35 5.05 8.18 -13.99
CA THR B 35 4.30 9.16 -14.80
C THR B 35 4.89 10.55 -14.56
N ALA B 36 5.06 10.96 -13.28
CA ALA B 36 5.63 12.27 -12.93
C ALA B 36 7.02 12.46 -13.54
N ALA B 37 7.90 11.45 -13.37
CA ALA B 37 9.26 11.46 -13.91
C ALA B 37 9.26 11.48 -15.45
N ALA B 38 8.40 10.69 -16.10
CA ALA B 38 8.29 10.68 -17.57
C ALA B 38 7.73 11.99 -18.12
N LEU B 39 6.77 12.63 -17.41
CA LEU B 39 6.21 13.92 -17.84
C LEU B 39 7.27 15.00 -17.75
N ALA B 40 8.03 15.01 -16.65
CA ALA B 40 9.08 15.98 -16.38
C ALA B 40 10.19 15.86 -17.41
N LEU B 41 10.58 14.61 -17.76
CA LEU B 41 11.61 14.33 -18.76
C LEU B 41 11.18 14.87 -20.13
N ARG B 42 9.93 14.63 -20.51
CA ARG B 42 9.43 15.07 -21.84
C ARG B 42 9.37 16.60 -21.90
N ALA B 43 8.99 17.23 -20.80
CA ALA B 43 8.93 18.69 -20.73
C ALA B 43 10.30 19.31 -20.93
N ALA B 44 11.36 18.69 -20.36
CA ALA B 44 12.77 19.10 -20.56
C ALA B 44 13.14 18.92 -22.06
N GLU B 45 12.67 17.85 -22.71
CA GLU B 45 12.91 17.56 -24.13
C GLU B 45 12.19 18.55 -25.05
N TYR B 46 11.13 19.21 -24.54
CA TYR B 46 10.40 20.28 -25.22
C TYR B 46 11.05 21.65 -25.00
N GLY B 47 12.10 21.72 -24.18
CA GLY B 47 12.82 22.96 -23.92
C GLY B 47 12.58 23.65 -22.57
N ARG B 48 11.73 23.05 -21.71
CA ARG B 48 11.43 23.62 -20.40
C ARG B 48 12.47 23.34 -19.30
N THR B 49 12.58 24.25 -18.29
CA THR B 49 13.48 24.06 -17.13
C THR B 49 12.57 23.48 -16.05
N VAL B 50 12.66 22.16 -15.90
CA VAL B 50 11.72 21.39 -15.04
C VAL B 50 12.40 20.80 -13.81
N VAL B 51 11.65 20.78 -12.72
CA VAL B 51 12.06 20.08 -11.50
C VAL B 51 10.97 19.05 -11.21
N VAL B 52 11.37 17.83 -10.91
CA VAL B 52 10.39 16.81 -10.51
C VAL B 52 10.56 16.46 -9.05
N LEU B 53 9.49 16.61 -8.28
CA LEU B 53 9.47 16.27 -6.85
C LEU B 53 8.97 14.84 -6.72
N THR B 54 9.89 13.92 -6.61
CA THR B 54 9.49 12.53 -6.48
C THR B 54 9.33 12.20 -5.01
N ILE B 55 8.48 11.22 -4.72
CA ILE B 55 8.27 10.77 -3.36
C ILE B 55 9.07 9.50 -3.11
N ASP B 56 8.72 8.43 -3.82
CA ASP B 56 9.26 7.09 -3.61
C ASP B 56 9.68 6.40 -4.91
N PRO B 57 10.72 6.92 -5.64
CA PRO B 57 11.15 6.19 -6.84
C PRO B 57 11.84 4.88 -6.42
N ALA B 58 11.66 3.82 -7.22
CA ALA B 58 12.31 2.53 -6.96
C ALA B 58 13.84 2.76 -7.08
N LYS B 59 14.67 1.97 -6.37
CA LYS B 59 16.13 2.12 -6.35
C LYS B 59 16.75 2.45 -7.72
N ARG B 60 16.51 1.60 -8.76
CA ARG B 60 17.07 1.80 -10.10
C ARG B 60 16.69 3.16 -10.71
N LEU B 61 15.39 3.55 -10.62
CA LEU B 61 14.91 4.83 -11.17
C LEU B 61 15.58 6.03 -10.49
N ALA B 62 15.69 5.98 -9.15
CA ALA B 62 16.32 7.04 -8.36
C ALA B 62 17.80 7.21 -8.77
N GLN B 63 18.47 6.10 -9.11
CA GLN B 63 19.85 6.08 -9.57
C GLN B 63 19.95 6.59 -10.99
N ALA B 64 18.97 6.23 -11.86
CA ALA B 64 18.94 6.70 -13.25
C ALA B 64 18.85 8.25 -13.30
N LEU B 65 18.23 8.85 -12.26
CA LEU B 65 18.01 10.30 -12.09
C LEU B 65 19.11 10.98 -11.22
N GLY B 66 19.98 10.19 -10.59
CA GLY B 66 21.03 10.65 -9.69
C GLY B 66 20.50 11.22 -8.39
N ILE B 67 19.42 10.64 -7.82
CA ILE B 67 18.78 11.13 -6.59
C ILE B 67 18.68 10.05 -5.47
N ASN B 68 19.50 8.99 -5.56
CA ASN B 68 19.54 7.90 -4.56
C ASN B 68 20.12 8.35 -3.19
N ASP B 69 20.59 9.60 -3.12
CA ASP B 69 21.21 10.23 -1.95
C ASP B 69 20.18 10.71 -0.89
N LEU B 70 20.73 11.19 0.26
CA LEU B 70 20.00 11.67 1.43
C LEU B 70 19.57 13.15 1.33
N GLY B 71 19.96 13.82 0.24
CA GLY B 71 19.58 15.20 -0.03
C GLY B 71 18.07 15.42 -0.08
N ASN B 72 17.67 16.66 0.19
CA ASN B 72 16.25 17.00 0.21
C ASN B 72 16.10 18.26 -0.65
N THR B 73 16.80 18.24 -1.79
CA THR B 73 16.93 19.40 -2.66
C THR B 73 17.15 18.99 -4.11
N PRO B 74 16.66 19.77 -5.10
CA PRO B 74 16.83 19.34 -6.50
C PRO B 74 18.27 19.34 -6.98
N GLN B 75 18.55 18.43 -7.91
CA GLN B 75 19.83 18.23 -8.58
C GLN B 75 19.54 18.00 -10.07
N ARG B 76 20.45 18.48 -10.90
CA ARG B 76 20.31 18.34 -12.36
C ARG B 76 20.50 16.89 -12.75
N VAL B 77 19.64 16.44 -13.65
CA VAL B 77 19.67 15.10 -14.22
C VAL B 77 20.45 15.26 -15.55
N PRO B 78 21.64 14.66 -15.66
CA PRO B 78 22.39 14.81 -16.91
C PRO B 78 21.69 14.07 -18.05
N LEU B 79 21.37 14.80 -19.11
CA LEU B 79 20.68 14.31 -20.29
C LEU B 79 21.54 14.54 -21.51
N ALA B 80 21.18 13.91 -22.66
CA ALA B 80 21.87 14.04 -23.95
C ALA B 80 22.06 15.53 -24.30
N PRO B 81 23.23 15.94 -24.87
CA PRO B 81 23.43 17.36 -25.22
C PRO B 81 22.35 17.98 -26.13
N GLU B 82 21.66 17.15 -26.95
CA GLU B 82 20.59 17.57 -27.87
C GLU B 82 19.40 18.16 -27.12
N VAL B 83 19.08 17.63 -25.92
CA VAL B 83 17.98 18.08 -25.05
C VAL B 83 18.05 19.61 -24.83
N PRO B 84 17.07 20.37 -25.36
CA PRO B 84 17.11 21.84 -25.24
C PRO B 84 16.80 22.43 -23.87
N GLY B 85 16.03 21.72 -23.05
CA GLY B 85 15.69 22.15 -21.70
C GLY B 85 16.57 21.53 -20.64
N GLU B 86 16.13 21.61 -19.37
CA GLU B 86 16.85 21.03 -18.22
C GLU B 86 15.90 20.26 -17.35
N LEU B 87 16.36 19.10 -16.88
CA LEU B 87 15.62 18.27 -15.95
C LEU B 87 16.37 18.25 -14.64
N HIS B 88 15.65 18.54 -13.55
CA HIS B 88 16.12 18.55 -12.17
C HIS B 88 15.22 17.62 -11.40
N ALA B 89 15.79 16.88 -10.45
CA ALA B 89 14.99 15.93 -9.68
C ALA B 89 15.36 15.89 -8.22
N MET B 90 14.46 15.39 -7.41
CA MET B 90 14.72 15.14 -5.99
C MET B 90 13.77 14.09 -5.51
N MET B 91 14.11 13.45 -4.41
CA MET B 91 13.27 12.49 -3.72
C MET B 91 12.99 13.14 -2.35
N LEU B 92 11.71 13.20 -1.96
CA LEU B 92 11.33 13.81 -0.70
C LEU B 92 11.94 13.08 0.50
N ASP B 93 12.53 13.85 1.44
CA ASP B 93 13.05 13.36 2.70
C ASP B 93 12.09 13.95 3.71
N MET B 94 11.13 13.14 4.11
CA MET B 94 10.05 13.52 5.00
C MET B 94 10.56 14.12 6.33
N ARG B 95 11.51 13.43 6.98
CA ARG B 95 12.08 13.89 8.25
C ARG B 95 12.84 15.22 8.08
N ARG B 96 13.69 15.32 7.05
CA ARG B 96 14.47 16.55 6.80
C ARG B 96 13.58 17.75 6.49
N THR B 97 12.41 17.53 5.83
CA THR B 97 11.46 18.59 5.48
C THR B 97 10.76 19.08 6.76
N PHE B 98 10.50 18.17 7.72
CA PHE B 98 9.93 18.52 9.02
C PHE B 98 10.93 19.42 9.77
N ASP B 99 12.24 19.07 9.72
CA ASP B 99 13.33 19.86 10.31
C ASP B 99 13.40 21.25 9.75
N GLU B 100 13.32 21.37 8.41
CA GLU B 100 13.37 22.67 7.69
C GLU B 100 12.20 23.51 8.06
N MET B 101 11.02 22.89 8.22
CA MET B 101 9.81 23.58 8.61
C MET B 101 9.95 24.11 10.03
N VAL B 102 10.43 23.27 10.94
CA VAL B 102 10.65 23.62 12.34
C VAL B 102 11.60 24.85 12.44
N MET B 103 12.75 24.82 11.74
CA MET B 103 13.71 25.90 11.75
C MET B 103 13.22 27.19 11.13
N GLN B 104 12.45 27.11 10.05
CA GLN B 104 11.91 28.29 9.37
C GLN B 104 11.05 29.10 10.32
N TYR B 105 10.19 28.42 11.10
CA TYR B 105 9.28 29.12 11.99
C TYR B 105 9.79 29.30 13.42
N SER B 106 10.61 28.35 13.93
CA SER B 106 11.17 28.45 15.28
C SER B 106 12.54 29.15 15.35
N GLY B 107 13.27 29.20 14.23
CA GLY B 107 14.60 29.78 14.18
C GLY B 107 15.70 28.74 14.39
N PRO B 108 16.94 29.00 13.96
CA PRO B 108 18.02 27.99 14.08
C PRO B 108 18.44 27.59 15.51
N GLU B 109 18.34 28.54 16.46
CA GLU B 109 18.71 28.27 17.85
C GLU B 109 17.70 27.35 18.54
N ARG B 110 16.41 27.74 18.52
CA ARG B 110 15.32 26.96 19.10
C ARG B 110 15.22 25.57 18.46
N ALA B 111 15.47 25.49 17.13
CA ALA B 111 15.45 24.25 16.34
C ALA B 111 16.47 23.20 16.81
N GLN B 112 17.58 23.63 17.43
CA GLN B 112 18.60 22.72 17.97
C GLN B 112 18.04 21.87 19.12
N SER B 113 17.11 22.45 19.91
CA SER B 113 16.43 21.83 21.01
C SER B 113 15.33 20.89 20.51
N ILE B 114 14.46 21.37 19.57
CA ILE B 114 13.35 20.60 18.98
C ILE B 114 13.85 19.35 18.27
N LEU B 115 14.87 19.50 17.43
CA LEU B 115 15.45 18.39 16.67
C LEU B 115 16.10 17.35 17.56
N ASP B 116 16.63 17.77 18.73
CA ASP B 116 17.27 16.88 19.70
C ASP B 116 16.27 16.13 20.63
N ASN B 117 14.99 16.58 20.66
CA ASN B 117 13.92 16.02 21.46
C ASN B 117 13.49 14.64 20.94
N GLN B 118 13.57 13.62 21.83
CA GLN B 118 13.23 12.21 21.53
C GLN B 118 11.77 12.01 21.13
N PHE B 119 10.82 12.82 21.70
CA PHE B 119 9.40 12.73 21.33
C PHE B 119 9.20 13.23 19.90
N TYR B 120 9.90 14.31 19.51
CA TYR B 120 9.85 14.85 18.14
C TYR B 120 10.37 13.81 17.14
N GLN B 121 11.53 13.22 17.44
CA GLN B 121 12.25 12.25 16.62
C GLN B 121 11.55 10.93 16.43
N THR B 122 10.86 10.44 17.46
CA THR B 122 10.20 9.14 17.41
C THR B 122 8.70 9.23 17.14
N VAL B 123 8.00 10.28 17.62
CA VAL B 123 6.55 10.34 17.43
C VAL B 123 6.13 11.44 16.45
N ALA B 124 6.35 12.74 16.78
CA ALA B 124 5.91 13.87 15.98
C ALA B 124 6.18 13.76 14.47
N THR B 125 7.39 13.34 14.08
CA THR B 125 7.78 13.25 12.67
C THR B 125 7.18 12.06 11.90
N SER B 126 6.62 11.06 12.60
CA SER B 126 6.04 9.90 11.94
C SER B 126 4.51 9.79 12.07
N LEU B 127 3.83 10.91 12.38
CA LEU B 127 2.37 10.91 12.51
C LEU B 127 1.64 10.77 11.17
N ALA B 128 0.39 10.30 11.22
CA ALA B 128 -0.45 10.12 10.04
C ALA B 128 -0.63 11.46 9.29
N GLY B 129 -0.27 11.47 8.02
CA GLY B 129 -0.36 12.65 7.17
C GLY B 129 0.92 13.44 6.97
N THR B 130 2.02 13.02 7.62
CA THR B 130 3.34 13.69 7.55
C THR B 130 3.91 13.67 6.14
N GLN B 131 3.75 12.55 5.44
CA GLN B 131 4.28 12.45 4.09
C GLN B 131 3.56 13.41 3.13
N GLU B 132 2.24 13.61 3.30
CA GLU B 132 1.45 14.54 2.46
C GLU B 132 1.75 15.98 2.81
N TYR B 133 1.85 16.30 4.10
CA TYR B 133 2.16 17.63 4.64
C TYR B 133 3.55 18.07 4.21
N MET B 134 4.57 17.16 4.34
CA MET B 134 5.95 17.47 3.94
C MET B 134 6.10 17.61 2.43
N ALA B 135 5.34 16.82 1.63
CA ALA B 135 5.34 16.96 0.16
C ALA B 135 4.81 18.36 -0.23
N MET B 136 3.69 18.80 0.41
CA MET B 136 3.10 20.12 0.21
C MET B 136 4.06 21.26 0.61
N GLU B 137 4.75 21.07 1.73
CA GLU B 137 5.75 22.03 2.27
C GLU B 137 6.94 22.12 1.30
N LYS B 138 7.44 20.97 0.86
CA LYS B 138 8.54 20.96 -0.13
C LYS B 138 8.12 21.68 -1.42
N LEU B 139 6.88 21.40 -1.93
CA LEU B 139 6.30 22.08 -3.10
C LEU B 139 6.31 23.61 -2.85
N GLY B 140 5.91 24.03 -1.64
CA GLY B 140 5.93 25.42 -1.21
C GLY B 140 7.33 26.03 -1.21
N GLN B 141 8.37 25.24 -0.84
CA GLN B 141 9.78 25.67 -0.86
C GLN B 141 10.26 25.88 -2.33
N LEU B 142 9.89 24.95 -3.24
CA LEU B 142 10.25 24.98 -4.65
C LEU B 142 9.66 26.17 -5.37
N LEU B 143 8.39 26.48 -5.08
CA LEU B 143 7.66 27.61 -5.64
C LEU B 143 8.26 28.94 -5.20
N SER B 144 8.58 29.09 -3.90
CA SER B 144 9.18 30.32 -3.37
C SER B 144 10.56 30.60 -3.96
N GLN B 145 11.32 29.55 -4.32
CA GLN B 145 12.66 29.80 -4.85
C GLN B 145 12.67 30.23 -6.33
N ASP B 146 11.50 30.19 -7.03
CA ASP B 146 11.36 30.64 -8.43
C ASP B 146 12.63 30.38 -9.27
N ARG B 147 12.96 29.08 -9.42
CA ARG B 147 14.15 28.62 -10.14
CA ARG B 147 14.15 28.61 -10.15
C ARG B 147 13.74 27.76 -11.35
N TRP B 148 12.46 27.31 -11.40
CA TRP B 148 11.96 26.46 -12.49
C TRP B 148 10.65 26.92 -13.05
N ASP B 149 10.52 26.84 -14.39
CA ASP B 149 9.29 27.22 -15.07
C ASP B 149 8.22 26.11 -14.93
N LEU B 150 8.64 24.86 -14.65
CA LEU B 150 7.72 23.77 -14.41
C LEU B 150 8.15 22.95 -13.20
N ILE B 151 7.17 22.61 -12.35
CA ILE B 151 7.36 21.75 -11.20
C ILE B 151 6.38 20.61 -11.39
N VAL B 152 6.90 19.39 -11.42
CA VAL B 152 6.10 18.19 -11.55
C VAL B 152 6.14 17.52 -10.19
N VAL B 153 4.96 17.40 -9.59
CA VAL B 153 4.77 16.91 -8.24
C VAL B 153 4.24 15.50 -8.22
N ASP B 154 5.02 14.61 -7.63
CA ASP B 154 4.61 13.24 -7.37
C ASP B 154 3.93 13.28 -5.96
N THR B 155 2.93 12.41 -5.74
CA THR B 155 2.22 12.42 -4.46
C THR B 155 2.41 11.10 -3.70
N PRO B 156 2.43 11.12 -2.35
CA PRO B 156 2.68 9.85 -1.60
C PRO B 156 1.67 8.73 -1.88
N PRO B 157 2.10 7.45 -1.83
CA PRO B 157 1.13 6.35 -2.03
C PRO B 157 0.14 6.26 -0.86
N SER B 158 -1.07 5.82 -1.19
CA SER B 158 -2.15 5.59 -0.24
C SER B 158 -3.23 4.80 -0.91
N ARG B 159 -3.98 4.02 -0.12
CA ARG B 159 -5.17 3.29 -0.57
C ARG B 159 -6.23 4.35 -0.91
N ASN B 160 -6.17 5.53 -0.24
CA ASN B 160 -7.09 6.66 -0.44
C ASN B 160 -6.43 7.85 -1.15
N ALA B 161 -6.78 8.06 -2.43
CA ALA B 161 -6.31 9.13 -3.32
C ALA B 161 -6.56 10.57 -2.81
N LEU B 162 -7.53 10.76 -1.90
CA LEU B 162 -7.88 12.09 -1.35
C LEU B 162 -7.01 12.51 -0.19
N ASP B 163 -6.20 11.57 0.34
CA ASP B 163 -5.27 11.82 1.44
C ASP B 163 -4.30 12.92 1.10
N PHE B 164 -3.95 13.07 -0.19
CA PHE B 164 -3.07 14.17 -0.62
C PHE B 164 -3.69 15.53 -0.34
N LEU B 165 -5.01 15.65 -0.56
CA LEU B 165 -5.74 16.89 -0.39
C LEU B 165 -6.25 17.10 1.03
N ASP B 166 -6.52 16.00 1.77
CA ASP B 166 -7.05 16.03 3.13
C ASP B 166 -6.09 15.79 4.30
N ALA B 167 -5.09 14.90 4.15
CA ALA B 167 -4.21 14.54 5.25
C ALA B 167 -3.38 15.70 5.79
N PRO B 168 -2.88 16.68 4.98
CA PRO B 168 -2.12 17.80 5.59
C PRO B 168 -2.96 18.65 6.54
N LYS B 169 -4.19 19.01 6.13
CA LYS B 169 -5.13 19.81 6.94
C LYS B 169 -5.53 19.10 8.24
N ARG B 170 -5.82 17.79 8.14
CA ARG B 170 -6.17 16.88 9.23
C ARG B 170 -4.99 16.81 10.24
N LEU B 171 -3.74 16.66 9.73
CA LEU B 171 -2.55 16.62 10.58
C LEU B 171 -2.32 18.00 11.25
N GLY B 172 -2.63 19.07 10.52
CA GLY B 172 -2.53 20.43 11.05
C GLY B 172 -3.45 20.66 12.23
N SER B 173 -4.75 20.27 12.09
CA SER B 173 -5.79 20.39 13.13
C SER B 173 -5.44 19.56 14.36
N PHE B 174 -4.85 18.35 14.15
CA PHE B 174 -4.42 17.50 15.26
C PHE B 174 -3.26 18.17 16.02
N MET B 175 -2.29 18.74 15.29
CA MET B 175 -1.16 19.45 15.89
C MET B 175 -1.59 20.69 16.69
N ASP B 176 -2.70 21.34 16.28
CA ASP B 176 -3.23 22.54 16.93
C ASP B 176 -4.26 22.25 18.00
N SER B 177 -4.47 20.97 18.35
CA SER B 177 -5.41 20.57 19.39
C SER B 177 -5.05 21.22 20.74
N ARG B 178 -6.09 21.68 21.50
CA ARG B 178 -6.00 22.29 22.83
C ARG B 178 -5.37 21.30 23.84
N LEU B 179 -5.56 19.99 23.58
CA LEU B 179 -5.06 18.85 24.33
C LEU B 179 -3.53 18.83 24.46
N TRP B 180 -2.79 19.41 23.50
CA TRP B 180 -1.31 19.47 23.55
C TRP B 180 -0.80 20.27 24.75
N ARG B 181 -1.27 21.53 24.90
CA ARG B 181 -0.86 22.46 25.96
C ARG B 181 -1.51 22.15 27.29
N LEU B 182 -2.81 21.89 27.29
CA LEU B 182 -3.58 21.66 28.52
C LEU B 182 -3.33 20.29 29.18
N LEU B 183 -3.03 19.23 28.40
CA LEU B 183 -2.83 17.88 28.97
C LEU B 183 -1.35 17.52 29.25
N LEU B 184 -0.40 18.15 28.53
CA LEU B 184 1.03 17.89 28.72
C LEU B 184 1.77 19.07 29.36
N ALA B 185 1.80 20.25 28.67
CA ALA B 185 2.45 21.48 29.16
C ALA B 185 1.67 22.11 30.32
N ILE B 194 -5.29 20.85 36.59
CA ILE B 194 -5.86 22.16 36.90
C ILE B 194 -7.41 22.14 36.87
N THR B 195 -8.01 21.77 35.71
CA THR B 195 -9.47 21.70 35.54
C THR B 195 -10.02 20.43 36.23
N GLY B 196 -11.31 20.17 36.05
CA GLY B 196 -11.99 18.98 36.56
C GLY B 196 -11.90 17.88 35.53
N VAL B 197 -12.23 18.21 34.26
CA VAL B 197 -12.20 17.29 33.12
C VAL B 197 -10.77 17.16 32.61
N MET B 198 -10.08 18.31 32.36
CA MET B 198 -8.69 18.33 31.90
C MET B 198 -7.80 17.70 32.96
N GLY B 199 -8.14 17.92 34.24
CA GLY B 199 -7.43 17.35 35.39
C GLY B 199 -7.57 15.84 35.50
N LEU B 200 -8.79 15.31 35.22
CA LEU B 200 -9.07 13.87 35.22
C LEU B 200 -8.29 13.19 34.07
N ALA B 201 -8.25 13.84 32.89
CA ALA B 201 -7.52 13.37 31.70
C ALA B 201 -6.02 13.40 31.97
N MET B 202 -5.52 14.50 32.56
CA MET B 202 -4.12 14.70 32.93
C MET B 202 -3.65 13.67 33.94
N LYS B 203 -4.48 13.38 34.97
CA LYS B 203 -4.16 12.42 36.02
C LYS B 203 -4.02 11.03 35.39
N ALA B 204 -4.98 10.64 34.51
CA ALA B 204 -4.98 9.37 33.78
C ALA B 204 -3.73 9.19 32.90
N LEU B 205 -3.26 10.27 32.24
CA LEU B 205 -2.06 10.25 31.40
C LEU B 205 -0.76 10.10 32.20
N SER B 206 -0.71 10.71 33.40
CA SER B 206 0.44 10.65 34.32
C SER B 206 0.56 9.24 34.90
N THR B 207 -0.60 8.59 35.17
CA THR B 207 -0.77 7.26 35.74
C THR B 207 -0.39 6.15 34.75
N VAL B 208 -0.67 6.34 33.45
CA VAL B 208 -0.45 5.33 32.41
C VAL B 208 0.84 5.53 31.64
N LEU B 209 1.18 6.77 31.26
CA LEU B 209 2.37 7.05 30.44
C LEU B 209 3.63 7.25 31.25
N GLY B 210 4.76 6.93 30.62
CA GLY B 210 6.08 7.04 31.23
C GLY B 210 6.51 8.48 31.45
N SER B 211 6.96 8.78 32.69
CA SER B 211 7.42 10.11 33.13
C SER B 211 8.41 10.76 32.13
N GLN B 212 9.37 9.96 31.62
CA GLN B 212 10.39 10.38 30.64
C GLN B 212 9.72 10.86 29.36
N MET B 213 8.75 10.07 28.86
CA MET B 213 8.01 10.36 27.64
C MET B 213 7.16 11.62 27.78
N LEU B 214 6.47 11.77 28.92
CA LEU B 214 5.64 12.94 29.20
C LEU B 214 6.49 14.22 29.31
N ALA B 215 7.70 14.11 29.89
CA ALA B 215 8.63 15.23 29.99
C ALA B 215 9.11 15.62 28.58
N ASP B 216 9.44 14.63 27.75
CA ASP B 216 9.86 14.83 26.36
C ASP B 216 8.74 15.45 25.53
N ALA B 217 7.49 14.97 25.72
CA ALA B 217 6.29 15.47 25.03
C ALA B 217 6.01 16.93 25.41
N ALA B 218 6.10 17.26 26.73
CA ALA B 218 5.92 18.60 27.30
C ALA B 218 7.00 19.55 26.82
N ALA B 219 8.26 19.06 26.74
CA ALA B 219 9.39 19.84 26.28
C ALA B 219 9.22 20.18 24.81
N PHE B 220 8.66 19.26 23.99
CA PHE B 220 8.37 19.51 22.59
C PHE B 220 7.33 20.63 22.44
N VAL B 221 6.24 20.60 23.23
CA VAL B 221 5.20 21.64 23.18
C VAL B 221 5.78 23.01 23.59
N GLN B 222 6.57 23.06 24.69
CA GLN B 222 7.22 24.28 25.17
C GLN B 222 8.24 24.82 24.17
N SER B 223 9.12 23.94 23.63
CA SER B 223 10.19 24.27 22.66
C SER B 223 9.62 24.73 21.33
N LEU B 224 8.68 23.95 20.76
CA LEU B 224 8.05 24.28 19.49
C LEU B 224 7.39 25.65 19.59
N ASP B 225 6.53 25.87 20.61
CA ASP B 225 5.84 27.12 20.85
C ASP B 225 5.11 27.60 19.56
N ALA B 226 4.26 26.72 19.01
CA ALA B 226 3.49 26.95 17.77
C ALA B 226 2.56 28.16 17.87
N GLY B 229 -3.37 28.52 16.22
CA GLY B 229 -3.67 27.58 15.15
C GLY B 229 -2.62 27.51 14.05
N GLY B 230 -1.34 27.41 14.48
CA GLY B 230 -0.14 27.37 13.66
C GLY B 230 -0.04 26.36 12.52
N PHE B 231 -0.17 25.06 12.83
CA PHE B 231 -0.03 23.99 11.84
C PHE B 231 -1.12 23.95 10.77
N ARG B 232 -2.38 24.20 11.15
CA ARG B 232 -3.53 24.21 10.24
C ARG B 232 -3.44 25.41 9.27
N GLU B 233 -3.09 26.59 9.82
CA GLU B 233 -2.86 27.81 9.05
C GLU B 233 -1.75 27.59 8.01
N LYS B 234 -0.64 26.90 8.35
CA LYS B 234 0.43 26.56 7.39
C LYS B 234 -0.13 25.67 6.27
N ALA B 235 -0.84 24.57 6.64
CA ALA B 235 -1.45 23.62 5.70
C ALA B 235 -2.47 24.33 4.76
N ASP B 236 -3.25 25.30 5.29
CA ASP B 236 -4.22 26.08 4.52
C ASP B 236 -3.53 26.96 3.46
N ARG B 237 -2.49 27.73 3.89
CA ARG B 237 -1.71 28.64 3.02
C ARG B 237 -1.02 27.87 1.92
N THR B 238 -0.43 26.70 2.25
CA THR B 238 0.28 25.85 1.28
C THR B 238 -0.72 25.24 0.25
N TYR B 239 -1.90 24.78 0.72
CA TYR B 239 -2.99 24.24 -0.12
C TYR B 239 -3.47 25.30 -1.12
N ALA B 240 -3.51 26.59 -0.71
CA ALA B 240 -3.91 27.72 -1.58
C ALA B 240 -3.01 27.85 -2.84
N LEU B 241 -1.72 27.44 -2.75
CA LEU B 241 -0.78 27.43 -3.88
C LEU B 241 -1.29 26.51 -5.02
N LEU B 242 -2.05 25.44 -4.68
CA LEU B 242 -2.64 24.48 -5.63
C LEU B 242 -3.81 25.10 -6.41
N LYS B 243 -4.24 26.30 -5.99
CA LYS B 243 -5.34 27.06 -6.57
C LYS B 243 -4.81 28.19 -7.46
N ARG B 244 -3.47 28.37 -7.50
CA ARG B 244 -2.86 29.40 -8.34
C ARG B 244 -3.07 29.03 -9.81
N ARG B 245 -3.19 30.07 -10.67
CA ARG B 245 -3.33 29.91 -12.11
C ARG B 245 -2.08 29.21 -12.65
N GLY B 246 -2.29 28.20 -13.48
CA GLY B 246 -1.19 27.43 -14.07
C GLY B 246 -0.96 26.07 -13.45
N THR B 247 -1.89 25.65 -12.58
CA THR B 247 -1.83 24.36 -11.93
C THR B 247 -2.66 23.37 -12.73
N GLN B 248 -2.17 22.15 -12.89
CA GLN B 248 -2.85 21.08 -13.61
C GLN B 248 -2.78 19.82 -12.78
N PHE B 249 -3.88 19.11 -12.65
CA PHE B 249 -3.93 17.83 -11.95
C PHE B 249 -4.07 16.72 -12.97
N VAL B 250 -3.31 15.65 -12.77
CA VAL B 250 -3.28 14.48 -13.62
C VAL B 250 -3.62 13.32 -12.68
N VAL B 251 -4.73 12.65 -12.95
CA VAL B 251 -5.12 11.51 -12.15
C VAL B 251 -4.63 10.27 -12.83
N VAL B 252 -3.87 9.47 -12.08
CA VAL B 252 -3.33 8.21 -12.59
C VAL B 252 -4.10 7.06 -11.98
N SER B 253 -4.45 6.09 -12.84
CA SER B 253 -5.09 4.88 -12.37
C SER B 253 -4.61 3.67 -13.16
N ALA B 254 -4.50 2.53 -12.48
CA ALA B 254 -4.20 1.28 -13.18
C ALA B 254 -5.53 0.76 -13.75
N ALA B 255 -5.46 -0.29 -14.57
CA ALA B 255 -6.71 -0.82 -15.14
C ALA B 255 -7.33 -1.84 -14.17
N GLU B 256 -7.57 -1.38 -12.93
CA GLU B 256 -8.07 -2.11 -11.75
C GLU B 256 -9.29 -1.36 -11.16
N PRO B 257 -10.29 -2.10 -10.62
CA PRO B 257 -11.47 -1.45 -10.03
C PRO B 257 -11.24 -0.52 -8.83
N ASP B 258 -10.33 -0.90 -7.92
CA ASP B 258 -9.97 -0.13 -6.70
C ASP B 258 -9.29 1.20 -7.06
N ALA B 259 -8.33 1.16 -8.00
CA ALA B 259 -7.59 2.33 -8.45
C ALA B 259 -8.52 3.31 -9.22
N LEU B 260 -9.46 2.77 -10.03
CA LEU B 260 -10.42 3.56 -10.81
C LEU B 260 -11.40 4.28 -9.92
N ARG B 261 -11.95 3.57 -8.92
CA ARG B 261 -12.88 4.11 -7.92
C ARG B 261 -12.20 5.32 -7.22
N GLU B 262 -10.94 5.14 -6.79
CA GLU B 262 -10.11 6.19 -6.15
C GLU B 262 -9.89 7.43 -7.03
N ALA B 263 -9.71 7.20 -8.35
CA ALA B 263 -9.52 8.23 -9.37
C ALA B 263 -10.80 9.06 -9.50
N SER B 264 -11.98 8.39 -9.52
CA SER B 264 -13.31 8.99 -9.61
C SER B 264 -13.61 9.86 -8.40
N PHE B 265 -13.24 9.39 -7.17
CA PHE B 265 -13.41 10.20 -5.94
C PHE B 265 -12.58 11.46 -6.07
N PHE B 266 -11.40 11.34 -6.66
CA PHE B 266 -10.49 12.49 -6.85
C PHE B 266 -11.04 13.42 -7.92
N VAL B 267 -11.58 12.88 -9.01
CA VAL B 267 -12.15 13.74 -10.06
C VAL B 267 -13.33 14.54 -9.48
N ASP B 268 -14.16 13.88 -8.66
CA ASP B 268 -15.34 14.53 -8.04
C ASP B 268 -14.88 15.72 -7.18
N ARG B 269 -13.90 15.47 -6.32
CA ARG B 269 -13.36 16.50 -5.44
C ARG B 269 -12.82 17.72 -6.20
N LEU B 270 -11.97 17.49 -7.24
CA LEU B 270 -11.41 18.57 -8.05
C LEU B 270 -12.51 19.40 -8.67
N SER B 271 -13.60 18.73 -9.15
CA SER B 271 -14.77 19.35 -9.75
C SER B 271 -15.52 20.20 -8.72
N GLN B 272 -15.74 19.66 -7.50
CA GLN B 272 -16.43 20.38 -6.42
C GLN B 272 -15.64 21.62 -5.99
N GLU B 273 -14.31 21.48 -5.89
CA GLU B 273 -13.42 22.55 -5.48
C GLU B 273 -12.99 23.49 -6.64
N SER B 274 -13.57 23.31 -7.85
CA SER B 274 -13.31 24.08 -9.08
C SER B 274 -11.80 24.15 -9.42
N MET B 275 -11.09 23.02 -9.21
CA MET B 275 -9.66 22.86 -9.45
C MET B 275 -9.41 22.25 -10.83
N PRO B 276 -8.45 22.77 -11.62
CA PRO B 276 -8.28 22.27 -12.99
C PRO B 276 -7.71 20.87 -13.13
N LEU B 277 -8.46 20.00 -13.83
CA LEU B 277 -8.06 18.63 -14.08
C LEU B 277 -7.67 18.49 -15.56
N ALA B 278 -6.43 18.04 -15.84
CA ALA B 278 -5.94 17.79 -17.20
C ALA B 278 -6.68 16.56 -17.76
N GLY B 279 -6.68 15.48 -16.99
CA GLY B 279 -7.38 14.26 -17.34
C GLY B 279 -6.92 13.04 -16.58
N LEU B 280 -7.28 11.86 -17.08
CA LEU B 280 -6.93 10.57 -16.51
C LEU B 280 -5.91 9.82 -17.36
N VAL B 281 -4.88 9.27 -16.69
CA VAL B 281 -3.88 8.39 -17.28
C VAL B 281 -4.34 6.98 -16.82
N PHE B 282 -4.80 6.16 -17.78
CA PHE B 282 -5.27 4.81 -17.53
C PHE B 282 -4.08 3.91 -17.89
N ASN B 283 -3.27 3.63 -16.90
CA ASN B 283 -1.99 2.93 -17.05
C ASN B 283 -2.07 1.40 -16.98
N ARG B 284 -1.06 0.72 -17.57
CA ARG B 284 -0.89 -0.74 -17.60
C ARG B 284 -1.98 -1.45 -18.39
N THR B 285 -2.37 -0.90 -19.52
CA THR B 285 -3.42 -1.55 -20.33
C THR B 285 -2.84 -2.67 -21.20
N HIS B 286 -3.73 -3.53 -21.73
CA HIS B 286 -3.31 -4.64 -22.58
C HIS B 286 -4.02 -4.57 -23.92
N PRO B 287 -3.59 -3.64 -24.82
CA PRO B 287 -4.27 -3.54 -26.13
C PRO B 287 -4.13 -4.80 -26.97
N MET B 288 -5.15 -5.11 -27.76
CA MET B 288 -5.09 -6.30 -28.60
C MET B 288 -4.22 -6.07 -29.82
N LEU B 289 -3.28 -6.99 -30.06
CA LEU B 289 -2.33 -6.90 -31.17
C LEU B 289 -2.74 -7.82 -32.33
N CYS B 290 -3.59 -8.82 -32.03
CA CYS B 290 -4.16 -9.80 -32.96
C CYS B 290 -5.69 -9.66 -32.87
N ALA B 291 -6.37 -9.53 -34.03
CA ALA B 291 -7.82 -9.32 -34.12
C ALA B 291 -8.69 -10.57 -33.93
N LEU B 292 -8.07 -11.77 -33.78
CA LEU B 292 -8.78 -13.05 -33.59
C LEU B 292 -9.73 -13.01 -32.38
N PRO B 293 -11.01 -13.41 -32.54
CA PRO B 293 -11.94 -13.36 -31.39
C PRO B 293 -11.58 -14.37 -30.28
N ILE B 294 -12.02 -14.07 -29.05
CA ILE B 294 -11.77 -14.91 -27.86
C ILE B 294 -12.42 -16.28 -28.02
N GLU B 295 -13.73 -16.31 -28.36
CA GLU B 295 -14.50 -17.54 -28.56
C GLU B 295 -13.81 -18.45 -29.58
N ARG B 296 -13.33 -17.86 -30.70
CA ARG B 296 -12.61 -18.53 -31.79
C ARG B 296 -11.28 -19.12 -31.27
N ALA B 297 -10.48 -18.31 -30.54
CA ALA B 297 -9.18 -18.66 -29.97
C ALA B 297 -9.29 -19.81 -28.95
N ILE B 298 -10.33 -19.77 -28.11
CA ILE B 298 -10.61 -20.79 -27.09
C ILE B 298 -10.89 -22.13 -27.77
N ASP B 299 -11.78 -22.13 -28.81
CA ASP B 299 -12.15 -23.30 -29.61
C ASP B 299 -10.93 -23.87 -30.34
N ALA B 300 -10.14 -22.99 -31.01
CA ALA B 300 -8.94 -23.36 -31.75
C ALA B 300 -7.90 -24.04 -30.85
N ALA B 301 -7.82 -23.62 -29.58
CA ALA B 301 -6.93 -24.21 -28.59
C ALA B 301 -7.53 -25.55 -28.11
N GLU B 302 -8.87 -25.61 -27.96
CA GLU B 302 -9.63 -26.79 -27.52
C GLU B 302 -9.53 -27.98 -28.48
N THR B 303 -9.54 -27.72 -29.81
CA THR B 303 -9.43 -28.74 -30.85
C THR B 303 -8.02 -29.35 -30.88
N LEU B 304 -6.98 -28.50 -30.71
CA LEU B 304 -5.56 -28.89 -30.70
C LEU B 304 -5.20 -29.83 -29.55
N ASP B 305 -5.89 -29.72 -28.40
CA ASP B 305 -5.69 -30.55 -27.20
C ASP B 305 -6.01 -32.01 -27.50
N ALA B 306 -7.10 -32.26 -28.26
CA ALA B 306 -7.57 -33.59 -28.67
C ALA B 306 -6.93 -34.09 -29.99
N GLU B 307 -5.94 -33.34 -30.52
CA GLU B 307 -5.22 -33.65 -31.75
C GLU B 307 -3.71 -33.50 -31.52
N THR B 314 3.07 -31.22 -32.05
CA THR B 314 3.29 -29.94 -31.39
C THR B 314 2.16 -29.63 -30.37
N SER B 315 2.34 -28.57 -29.54
CA SER B 315 1.40 -28.10 -28.51
C SER B 315 1.54 -26.59 -28.24
N LEU B 316 2.58 -25.97 -28.84
CA LEU B 316 2.94 -24.56 -28.71
C LEU B 316 1.83 -23.62 -29.19
N ALA B 317 1.24 -23.92 -30.37
CA ALA B 317 0.18 -23.14 -31.00
C ALA B 317 -1.07 -22.98 -30.12
N ALA B 318 -1.42 -24.00 -29.31
CA ALA B 318 -2.56 -23.96 -28.40
C ALA B 318 -2.27 -23.00 -27.22
N ALA B 319 -1.04 -23.06 -26.65
CA ALA B 319 -0.62 -22.19 -25.56
C ALA B 319 -0.63 -20.74 -26.05
N VAL B 320 -0.11 -20.52 -27.29
CA VAL B 320 -0.07 -19.21 -27.98
C VAL B 320 -1.50 -18.65 -28.10
N LEU B 321 -2.45 -19.53 -28.39
CA LEU B 321 -3.87 -19.20 -28.52
C LEU B 321 -4.48 -18.93 -27.15
N ARG B 322 -3.99 -19.63 -26.10
CA ARG B 322 -4.44 -19.46 -24.72
C ARG B 322 -3.95 -18.12 -24.16
N ILE B 323 -2.71 -17.69 -24.53
CA ILE B 323 -2.10 -16.40 -24.13
C ILE B 323 -3.01 -15.28 -24.64
N HIS B 324 -3.30 -15.32 -25.95
CA HIS B 324 -4.12 -14.37 -26.70
C HIS B 324 -5.53 -14.23 -26.10
N ALA B 325 -6.19 -15.36 -25.82
CA ALA B 325 -7.54 -15.43 -25.25
C ALA B 325 -7.59 -14.81 -23.84
N GLU B 326 -6.53 -15.04 -23.05
CA GLU B 326 -6.34 -14.54 -21.69
C GLU B 326 -6.12 -13.01 -21.76
N ARG B 327 -5.31 -12.55 -22.74
CA ARG B 327 -5.07 -11.13 -22.96
C ARG B 327 -6.37 -10.42 -23.41
N GLY B 328 -7.14 -11.06 -24.29
CA GLY B 328 -8.41 -10.52 -24.78
C GLY B 328 -9.45 -10.35 -23.70
N GLN B 329 -9.50 -11.30 -22.74
CA GLN B 329 -10.40 -11.28 -21.58
C GLN B 329 -10.01 -10.15 -20.66
N THR B 330 -8.69 -9.91 -20.53
CA THR B 330 -8.08 -8.83 -19.74
C THR B 330 -8.41 -7.50 -20.38
N ALA B 331 -8.30 -7.41 -21.72
CA ALA B 331 -8.63 -6.21 -22.50
C ALA B 331 -10.12 -5.89 -22.33
N LYS B 332 -10.99 -6.91 -22.38
CA LYS B 332 -12.44 -6.82 -22.20
C LYS B 332 -12.82 -6.20 -20.85
N ARG B 333 -12.17 -6.64 -19.74
CA ARG B 333 -12.40 -6.10 -18.39
C ARG B 333 -11.95 -4.63 -18.31
N GLU B 334 -10.80 -4.29 -18.95
CA GLU B 334 -10.26 -2.93 -18.99
C GLU B 334 -11.17 -1.97 -19.75
N ILE B 335 -11.74 -2.41 -20.90
CA ILE B 335 -12.70 -1.64 -21.70
C ILE B 335 -13.98 -1.35 -20.89
N ARG B 336 -14.55 -2.38 -20.22
CA ARG B 336 -15.77 -2.19 -19.42
C ARG B 336 -15.51 -1.31 -18.19
N LEU B 337 -14.31 -1.39 -17.58
CA LEU B 337 -13.93 -0.55 -16.44
C LEU B 337 -13.87 0.90 -16.88
N LEU B 338 -13.17 1.17 -18.00
CA LEU B 338 -13.00 2.51 -18.56
C LEU B 338 -14.33 3.12 -18.98
N SER B 339 -15.19 2.34 -19.66
CA SER B 339 -16.51 2.81 -20.10
C SER B 339 -17.42 3.22 -18.91
N ARG B 340 -17.23 2.61 -17.73
CA ARG B 340 -17.98 2.96 -16.52
C ARG B 340 -17.49 4.30 -16.00
N PHE B 341 -16.15 4.51 -16.01
CA PHE B 341 -15.53 5.78 -15.61
C PHE B 341 -15.97 6.92 -16.54
N THR B 342 -15.87 6.67 -17.86
CA THR B 342 -16.18 7.58 -18.97
C THR B 342 -17.68 7.93 -18.99
N GLY B 343 -18.54 6.96 -18.67
CA GLY B 343 -19.98 7.16 -18.60
C GLY B 343 -20.35 8.14 -17.51
N ALA B 344 -19.72 7.97 -16.35
CA ALA B 344 -19.91 8.81 -15.17
C ALA B 344 -19.21 10.16 -15.31
N ASN B 345 -18.09 10.22 -16.07
CA ASN B 345 -17.27 11.43 -16.28
C ASN B 345 -17.07 11.68 -17.77
N PRO B 346 -18.12 12.04 -18.56
CA PRO B 346 -17.92 12.17 -20.02
C PRO B 346 -17.07 13.35 -20.47
N THR B 347 -16.83 14.28 -19.53
CA THR B 347 -16.10 15.54 -19.65
C THR B 347 -14.58 15.36 -19.47
N VAL B 348 -14.16 14.26 -18.82
CA VAL B 348 -12.75 14.00 -18.49
C VAL B 348 -11.92 13.39 -19.65
N PRO B 349 -10.89 14.10 -20.08
CA PRO B 349 -10.01 13.59 -21.15
C PRO B 349 -9.22 12.37 -20.63
N VAL B 350 -9.01 11.35 -21.46
CA VAL B 350 -8.31 10.13 -21.00
C VAL B 350 -7.19 9.72 -21.97
N VAL B 351 -6.14 9.10 -21.44
CA VAL B 351 -5.01 8.57 -22.21
C VAL B 351 -4.67 7.20 -21.64
N GLY B 352 -4.77 6.17 -22.48
CA GLY B 352 -4.49 4.78 -22.12
C GLY B 352 -3.02 4.51 -22.32
N VAL B 353 -2.33 4.04 -21.28
CA VAL B 353 -0.91 3.72 -21.37
C VAL B 353 -0.74 2.20 -21.27
N PRO B 354 -0.21 1.54 -22.32
CA PRO B 354 -0.01 0.09 -22.24
C PRO B 354 1.06 -0.32 -21.24
N SER B 355 0.95 -1.57 -20.73
CA SER B 355 1.96 -2.16 -19.85
C SER B 355 3.15 -2.43 -20.79
N LEU B 356 4.32 -1.84 -20.50
CA LEU B 356 5.53 -1.94 -21.31
C LEU B 356 6.30 -3.22 -20.99
N PRO B 357 6.88 -3.92 -22.01
CA PRO B 357 7.58 -5.19 -21.72
C PRO B 357 8.98 -5.07 -21.11
N PHE B 358 9.10 -4.22 -20.10
CA PHE B 358 10.33 -3.93 -19.35
C PHE B 358 9.94 -3.05 -18.14
N ASP B 359 10.82 -2.94 -17.16
CA ASP B 359 10.60 -2.12 -15.96
C ASP B 359 10.92 -0.66 -16.31
N VAL B 360 10.08 0.29 -15.84
CA VAL B 360 10.30 1.72 -16.11
C VAL B 360 11.26 2.23 -15.03
N SER B 361 12.54 1.91 -15.20
CA SER B 361 13.56 2.16 -14.18
C SER B 361 14.86 2.78 -14.71
N ASP B 362 14.85 3.26 -15.96
CA ASP B 362 15.96 3.99 -16.57
C ASP B 362 15.42 5.08 -17.49
N LEU B 363 16.29 6.02 -17.94
CA LEU B 363 15.93 7.17 -18.78
C LEU B 363 15.33 6.77 -20.12
N GLU B 364 15.84 5.67 -20.70
CA GLU B 364 15.37 5.07 -21.96
C GLU B 364 13.93 4.57 -21.78
N ALA B 365 13.64 3.89 -20.66
CA ALA B 365 12.30 3.41 -20.35
C ALA B 365 11.34 4.55 -20.00
N LEU B 366 11.84 5.68 -19.40
CA LEU B 366 11.02 6.87 -19.11
C LEU B 366 10.60 7.51 -20.43
N ARG B 367 11.51 7.54 -21.41
CA ARG B 367 11.26 8.07 -22.74
C ARG B 367 10.18 7.26 -23.46
N ALA B 368 10.24 5.92 -23.38
CA ALA B 368 9.22 5.06 -23.98
C ALA B 368 7.88 5.28 -23.28
N LEU B 369 7.88 5.45 -21.93
CA LEU B 369 6.66 5.77 -21.19
C LEU B 369 6.07 7.13 -21.66
N ALA B 370 6.91 8.18 -21.70
CA ALA B 370 6.49 9.51 -22.18
C ALA B 370 5.99 9.48 -23.63
N ASP B 371 6.50 8.58 -24.50
CA ASP B 371 5.97 8.43 -25.88
C ASP B 371 4.51 7.98 -25.79
N GLN B 372 4.21 7.07 -24.84
CA GLN B 372 2.84 6.55 -24.66
C GLN B 372 1.94 7.64 -24.09
N LEU B 373 2.46 8.38 -23.11
CA LEU B 373 1.76 9.49 -22.45
C LEU B 373 1.44 10.65 -23.41
N THR B 374 2.30 10.88 -24.41
CA THR B 374 2.15 11.99 -25.33
C THR B 374 1.77 11.54 -26.76
N THR B 375 0.76 10.62 -26.91
CA THR B 375 0.19 10.19 -28.20
C THR B 375 -1.33 10.14 -28.12
#